data_4U0M
#
_entry.id   4U0M
#
_cell.length_a   69.898
_cell.length_b   59.860
_cell.length_c   104.185
_cell.angle_alpha   90.00
_cell.angle_beta   95.55
_cell.angle_gamma   90.00
#
_symmetry.space_group_name_H-M   'P 1 21 1'
#
loop_
_entity.id
_entity.type
_entity.pdbx_description
1 polymer 'Cyclic AMP-GMP synthase'
2 non-polymer "GUANOSINE-5'-TRIPHOSPHATE"
3 non-polymer "ADENOSINE-5'-TRIPHOSPHATE"
4 non-polymer 'MAGNESIUM ION'
5 non-polymer 'N-[4-({[(6S)-2-amino-5-methyl-4-oxo-1,4,5,6,7,8-hexahydropteridin-6-yl]methyl}amino)benzoyl]-L-gamma-glutamyl-L-glutamic acid'
6 water water
#
_entity_poly.entity_id   1
_entity_poly.type   'polypeptide(L)'
_entity_poly.pdbx_seq_one_letter_code
;MRMTWNFHQYYTNRNDGLMGKLVLTDEEKNNLKALRKIIRLRTRDVFEEAKGIAKAVKKSALTFEIIQEKVSTTQIKHLS
DSEQREVAKLIYEMDDDARDEFLGLTPRFWTQGSFQYDTLNRPFQPGQEMDIDDGTYMPMPIFESEPKIGHSLLILLVDA
SLKSLVAENHGWKFEAKQTCGRIKIEAEKTHINVPMYAIPKDEFQKKQIALEANRSFVKGAIFESYVADSITDDSETYEL
DSENVNLALREGDRKWINSDPKIVEDWFNDSCIRIGKHLRKVCRFMKAWRDAQWDVGGPSSISLMAATVNILDSVAHDAS
DLGETMKIIAKHLPSEFARGVESPDSTDEKPLFPPSYKHGPREMDIMSKLERLPEILSSAESADSKSEALKKINMAFGNR
VTNSELIVLAKALPAFAQELEHHHHHH
;
_entity_poly.pdbx_strand_id   A,B
#
# COMPACT_ATOMS: atom_id res chain seq x y z
N MET A 3 -45.04 7.06 43.31
CA MET A 3 -44.63 7.72 42.08
C MET A 3 -43.79 6.81 41.19
N THR A 4 -44.02 6.88 39.89
CA THR A 4 -43.28 6.07 38.93
C THR A 4 -42.34 6.96 38.11
N TRP A 5 -41.11 6.49 37.93
CA TRP A 5 -40.11 7.28 37.20
C TRP A 5 -39.75 6.66 35.86
N ASN A 6 -39.55 7.50 34.86
CA ASN A 6 -39.11 7.06 33.54
C ASN A 6 -37.61 7.26 33.39
N PHE A 7 -36.93 6.27 32.81
CA PHE A 7 -35.47 6.31 32.73
C PHE A 7 -34.95 6.33 31.29
N HIS A 8 -35.81 6.59 30.33
CA HIS A 8 -35.42 6.59 28.92
C HIS A 8 -34.29 7.58 28.63
N GLN A 9 -34.43 8.80 29.17
CA GLN A 9 -33.42 9.83 28.98
C GLN A 9 -32.14 9.49 29.74
N TYR A 10 -32.30 8.81 30.88
CA TYR A 10 -31.18 8.38 31.70
C TYR A 10 -30.26 7.45 30.91
N TYR A 11 -30.86 6.59 30.10
CA TYR A 11 -30.10 5.62 29.30
C TYR A 11 -29.54 6.24 28.02
N THR A 12 -30.37 7.01 27.32
CA THR A 12 -30.09 7.36 25.93
C THR A 12 -29.43 8.71 25.69
N ASN A 13 -29.48 9.61 26.67
CA ASN A 13 -28.89 10.94 26.51
C ASN A 13 -27.41 10.86 26.15
N ARG A 14 -27.06 11.40 24.99
CA ARG A 14 -25.71 11.26 24.45
C ARG A 14 -24.70 12.15 25.17
N ASN A 15 -25.19 13.05 26.03
CA ASN A 15 -24.31 13.93 26.77
C ASN A 15 -24.17 13.53 28.24
N ASP A 16 -25.26 13.62 28.98
CA ASP A 16 -25.25 13.31 30.41
C ASP A 16 -25.75 11.88 30.69
N GLY A 17 -26.34 11.25 29.67
CA GLY A 17 -26.91 9.93 29.83
C GLY A 17 -25.88 8.82 29.87
N LEU A 18 -26.35 7.59 30.08
CA LEU A 18 -25.47 6.44 30.17
C LEU A 18 -24.76 6.18 28.84
N MET A 19 -25.46 6.40 27.74
CA MET A 19 -24.87 6.28 26.42
C MET A 19 -23.76 7.30 26.23
N GLY A 20 -23.93 8.47 26.83
CA GLY A 20 -22.93 9.52 26.76
C GLY A 20 -21.68 9.17 27.54
N LYS A 21 -21.84 8.31 28.54
CA LYS A 21 -20.71 7.91 29.39
C LYS A 21 -20.01 6.66 28.85
N LEU A 22 -20.72 5.88 28.05
CA LEU A 22 -20.19 4.62 27.54
C LEU A 22 -19.49 4.75 26.20
N VAL A 23 -20.03 5.60 25.32
CA VAL A 23 -19.46 5.78 23.99
C VAL A 23 -18.10 6.45 24.04
N LEU A 24 -17.14 5.88 23.32
CA LEU A 24 -15.78 6.40 23.29
C LEU A 24 -15.72 7.83 22.76
N THR A 25 -14.85 8.64 23.38
CA THR A 25 -14.61 9.99 22.89
C THR A 25 -13.78 9.93 21.62
N ASP A 26 -13.74 11.04 20.88
CA ASP A 26 -12.96 11.10 19.64
C ASP A 26 -11.48 10.89 19.93
N GLU A 27 -11.05 11.30 21.11
CA GLU A 27 -9.67 11.12 21.53
C GLU A 27 -9.33 9.64 21.66
N GLU A 28 -10.20 8.90 22.34
CA GLU A 28 -9.98 7.47 22.55
C GLU A 28 -10.18 6.66 21.27
N LYS A 29 -11.17 7.05 20.48
CA LYS A 29 -11.49 6.35 19.24
C LYS A 29 -10.37 6.45 18.22
N ASN A 30 -9.91 7.68 17.98
CA ASN A 30 -8.80 7.91 17.07
C ASN A 30 -7.49 7.34 17.62
N ASN A 31 -7.40 7.27 18.93
CA ASN A 31 -6.23 6.69 19.59
C ASN A 31 -6.14 5.19 19.31
N LEU A 32 -7.30 4.53 19.27
CA LEU A 32 -7.36 3.10 18.97
C LEU A 32 -7.07 2.85 17.50
N LYS A 33 -7.58 3.71 16.63
CA LYS A 33 -7.34 3.60 15.19
C LYS A 33 -5.87 3.79 14.88
N ALA A 34 -5.24 4.74 15.56
CA ALA A 34 -3.81 5.01 15.38
C ALA A 34 -2.98 3.83 15.87
N LEU A 35 -3.39 3.24 16.99
CA LEU A 35 -2.70 2.08 17.55
C LEU A 35 -2.78 0.89 16.59
N ARG A 36 -3.96 0.69 16.00
CA ARG A 36 -4.16 -0.39 15.05
C ARG A 36 -3.34 -0.17 13.78
N LYS A 37 -3.24 1.09 13.35
CA LYS A 37 -2.49 1.44 12.16
C LYS A 37 -1.00 1.14 12.34
N ILE A 38 -0.48 1.46 13.52
CA ILE A 38 0.93 1.22 13.83
C ILE A 38 1.27 -0.26 13.80
N ILE A 39 0.38 -1.08 14.37
CA ILE A 39 0.60 -2.53 14.41
C ILE A 39 0.53 -3.15 13.03
N ARG A 40 -0.40 -2.68 12.20
CA ARG A 40 -0.55 -3.18 10.84
C ARG A 40 0.68 -2.87 10.00
N LEU A 41 1.19 -1.65 10.12
CA LEU A 41 2.38 -1.23 9.38
C LEU A 41 3.59 -2.06 9.76
N ARG A 42 3.82 -2.21 11.06
CA ARG A 42 4.98 -2.95 11.56
C ARG A 42 4.91 -4.43 11.20
N THR A 43 3.71 -5.00 11.28
CA THR A 43 3.52 -6.41 10.96
C THR A 43 3.85 -6.70 9.49
N ARG A 44 3.48 -5.77 8.62
CA ARG A 44 3.76 -5.92 7.19
CA ARG A 44 3.76 -5.91 7.19
C ARG A 44 5.24 -5.71 6.90
N ASP A 45 5.86 -4.74 7.58
CA ASP A 45 7.28 -4.47 7.40
C ASP A 45 8.13 -5.65 7.89
N VAL A 46 7.72 -6.24 9.00
CA VAL A 46 8.44 -7.38 9.57
C VAL A 46 8.39 -8.58 8.64
N PHE A 47 7.23 -8.83 8.05
CA PHE A 47 7.07 -9.92 7.10
C PHE A 47 7.89 -9.71 5.83
N GLU A 48 7.99 -8.45 5.41
CA GLU A 48 8.79 -8.11 4.23
C GLU A 48 10.27 -8.32 4.49
N GLU A 49 10.71 -8.02 5.71
CA GLU A 49 12.10 -8.22 6.10
C GLU A 49 12.44 -9.70 6.11
N ALA A 50 11.51 -10.52 6.60
CA ALA A 50 11.70 -11.96 6.63
C ALA A 50 11.66 -12.54 5.22
N LYS A 51 10.76 -12.02 4.40
CA LYS A 51 10.64 -12.46 3.02
C LYS A 51 11.86 -12.03 2.19
N GLY A 52 12.50 -10.94 2.61
CA GLY A 52 13.71 -10.47 1.98
C GLY A 52 14.86 -11.43 2.18
N ILE A 53 14.93 -12.00 3.38
CA ILE A 53 15.97 -12.97 3.71
C ILE A 53 15.74 -14.28 2.97
N ALA A 54 14.48 -14.66 2.82
CA ALA A 54 14.12 -15.89 2.13
C ALA A 54 14.38 -15.76 0.63
N LYS A 55 14.17 -14.56 0.10
CA LYS A 55 14.39 -14.29 -1.31
C LYS A 55 15.88 -14.37 -1.66
N ALA A 56 16.72 -14.02 -0.69
CA ALA A 56 18.17 -14.12 -0.86
C ALA A 56 18.59 -15.57 -0.88
N VAL A 57 17.90 -16.38 -0.08
CA VAL A 57 18.18 -17.80 -0.01
C VAL A 57 17.87 -18.45 -1.34
N LYS A 58 16.72 -18.09 -1.90
CA LYS A 58 16.29 -18.62 -3.18
C LYS A 58 17.32 -18.40 -4.26
N LYS A 59 17.82 -17.17 -4.38
CA LYS A 59 18.78 -16.82 -5.41
C LYS A 59 20.09 -17.57 -5.22
N SER A 60 20.84 -17.15 -4.21
CA SER A 60 22.12 -17.77 -3.90
C SER A 60 22.04 -18.50 -2.56
N ALA A 61 22.43 -19.77 -2.57
CA ALA A 61 22.44 -20.58 -1.36
C ALA A 61 23.27 -19.94 -0.26
N LEU A 62 22.65 -19.72 0.89
CA LEU A 62 23.33 -19.11 2.02
C LEU A 62 23.45 -20.11 3.15
N THR A 63 24.54 -20.01 3.91
CA THR A 63 24.73 -20.87 5.07
C THR A 63 23.74 -20.48 6.16
N PHE A 64 23.47 -21.40 7.07
CA PHE A 64 22.61 -21.11 8.20
C PHE A 64 23.23 -19.99 9.04
N GLU A 65 24.55 -19.87 8.98
CA GLU A 65 25.27 -18.82 9.68
C GLU A 65 24.90 -17.45 9.13
N ILE A 66 24.89 -17.34 7.81
CA ILE A 66 24.57 -16.09 7.13
C ILE A 66 23.10 -15.71 7.35
N ILE A 67 22.24 -16.72 7.40
CA ILE A 67 20.81 -16.50 7.62
C ILE A 67 20.56 -15.91 9.01
N GLN A 68 21.32 -16.41 9.99
CA GLN A 68 21.13 -16.00 11.38
C GLN A 68 21.62 -14.57 11.61
N GLU A 69 22.65 -14.16 10.86
CA GLU A 69 23.17 -12.81 11.00
C GLU A 69 22.26 -11.81 10.31
N LYS A 70 21.62 -12.23 9.23
CA LYS A 70 20.65 -11.40 8.52
C LYS A 70 19.43 -11.15 9.41
N VAL A 71 19.00 -12.18 10.13
CA VAL A 71 17.86 -12.07 11.02
C VAL A 71 18.14 -11.14 12.18
N SER A 72 19.38 -11.18 12.68
CA SER A 72 19.76 -10.38 13.84
C SER A 72 19.75 -8.89 13.54
N THR A 73 19.77 -8.54 12.26
CA THR A 73 19.78 -7.13 11.85
C THR A 73 18.37 -6.59 11.65
N THR A 74 17.42 -7.49 11.40
CA THR A 74 16.04 -7.10 11.18
C THR A 74 15.31 -6.84 12.49
N GLN A 75 14.00 -6.62 12.40
CA GLN A 75 13.17 -6.38 13.58
C GLN A 75 12.97 -7.65 14.39
N ILE A 76 13.42 -8.78 13.85
CA ILE A 76 13.29 -10.06 14.54
C ILE A 76 14.24 -10.13 15.73
N LYS A 77 15.17 -9.19 15.79
CA LYS A 77 16.15 -9.14 16.86
C LYS A 77 15.52 -8.91 18.23
N HIS A 78 14.29 -8.39 18.24
CA HIS A 78 13.59 -8.11 19.49
C HIS A 78 12.98 -9.37 20.10
N LEU A 79 13.12 -10.48 19.41
CA LEU A 79 12.77 -11.78 19.97
C LEU A 79 13.96 -12.29 20.77
N SER A 80 13.74 -13.29 21.60
CA SER A 80 14.83 -13.87 22.39
C SER A 80 15.86 -14.55 21.48
N ASP A 81 17.03 -14.83 22.03
CA ASP A 81 18.10 -15.46 21.26
C ASP A 81 17.68 -16.81 20.70
N SER A 82 16.95 -17.58 21.51
CA SER A 82 16.47 -18.88 21.09
C SER A 82 15.39 -18.75 20.02
N GLU A 83 14.59 -17.69 20.12
CA GLU A 83 13.53 -17.44 19.15
C GLU A 83 14.11 -16.98 17.81
N GLN A 84 15.17 -16.17 17.87
CA GLN A 84 15.84 -15.69 16.66
C GLN A 84 16.48 -16.85 15.90
N ARG A 85 16.99 -17.83 16.64
CA ARG A 85 17.68 -18.97 16.03
C ARG A 85 16.71 -19.88 15.30
N GLU A 86 15.55 -20.13 15.90
CA GLU A 86 14.55 -21.00 15.29
C GLU A 86 13.98 -20.38 14.02
N VAL A 87 13.83 -19.06 14.02
CA VAL A 87 13.35 -18.35 12.85
C VAL A 87 14.34 -18.52 11.70
N ALA A 88 15.63 -18.41 12.02
CA ALA A 88 16.68 -18.60 11.04
C ALA A 88 16.71 -20.05 10.57
N LYS A 89 16.35 -20.96 11.47
CA LYS A 89 16.33 -22.38 11.15
C LYS A 89 15.17 -22.72 10.23
N LEU A 90 14.00 -22.16 10.55
CA LEU A 90 12.80 -22.41 9.75
C LEU A 90 12.95 -21.86 8.33
N ILE A 91 13.54 -20.69 8.21
CA ILE A 91 13.77 -20.07 6.91
C ILE A 91 14.81 -20.85 6.11
N TYR A 92 15.82 -21.35 6.80
CA TYR A 92 16.90 -22.11 6.17
C TYR A 92 16.43 -23.49 5.72
N GLU A 93 15.72 -24.17 6.60
CA GLU A 93 15.28 -25.54 6.34
C GLU A 93 13.97 -25.57 5.55
N MET A 94 13.53 -24.41 5.08
CA MET A 94 12.28 -24.31 4.34
C MET A 94 12.40 -24.96 2.96
N ASP A 95 11.35 -25.68 2.57
CA ASP A 95 11.33 -26.37 1.28
C ASP A 95 11.34 -25.36 0.14
N ASP A 96 11.74 -25.81 -1.05
CA ASP A 96 11.81 -24.93 -2.21
C ASP A 96 10.42 -24.46 -2.61
N ASP A 97 9.47 -25.40 -2.66
CA ASP A 97 8.09 -25.07 -2.99
C ASP A 97 7.43 -24.27 -1.87
N ALA A 98 7.80 -24.58 -0.63
CA ALA A 98 7.26 -23.86 0.52
C ALA A 98 7.78 -22.43 0.57
N ARG A 99 8.98 -22.23 0.03
CA ARG A 99 9.61 -20.92 0.02
C ARG A 99 8.93 -19.98 -0.97
N ASP A 100 8.43 -20.53 -2.07
CA ASP A 100 7.71 -19.74 -3.06
C ASP A 100 6.37 -19.27 -2.50
N GLU A 101 5.73 -20.12 -1.71
CA GLU A 101 4.48 -19.77 -1.05
C GLU A 101 4.69 -18.60 -0.09
N PHE A 102 5.84 -18.62 0.60
CA PHE A 102 6.15 -17.60 1.59
C PHE A 102 6.49 -16.26 0.95
N LEU A 103 7.17 -16.29 -0.19
CA LEU A 103 7.56 -15.07 -0.89
C LEU A 103 6.34 -14.33 -1.45
N GLY A 104 5.22 -15.04 -1.54
CA GLY A 104 3.98 -14.46 -2.00
C GLY A 104 3.01 -14.19 -0.86
N LEU A 105 3.43 -14.50 0.36
CA LEU A 105 2.58 -14.27 1.54
C LEU A 105 2.28 -12.79 1.74
N THR A 106 0.99 -12.48 1.86
CA THR A 106 0.53 -11.10 1.99
C THR A 106 -0.38 -10.97 3.22
N PRO A 107 0.19 -10.51 4.36
CA PRO A 107 -0.59 -10.37 5.60
C PRO A 107 -1.70 -9.33 5.47
N ARG A 108 -2.93 -9.74 5.73
CA ARG A 108 -4.07 -8.81 5.68
C ARG A 108 -4.64 -8.60 7.08
N PHE A 109 -5.45 -7.57 7.25
CA PHE A 109 -6.02 -7.26 8.55
C PHE A 109 -7.51 -6.97 8.50
N TRP A 110 -8.21 -7.34 9.56
CA TRP A 110 -9.63 -7.00 9.70
C TRP A 110 -10.03 -7.04 11.16
N THR A 111 -10.59 -5.93 11.64
CA THR A 111 -10.97 -5.81 13.04
C THR A 111 -12.26 -6.58 13.36
N GLN A 112 -12.23 -7.30 14.47
CA GLN A 112 -13.41 -7.99 14.96
C GLN A 112 -13.74 -7.48 16.36
N GLY A 113 -14.87 -7.93 16.90
CA GLY A 113 -15.24 -7.57 18.26
C GLY A 113 -16.05 -6.29 18.37
N SER A 114 -16.12 -5.75 19.58
CA SER A 114 -16.95 -4.61 19.89
C SER A 114 -16.60 -3.34 19.10
N PHE A 115 -15.33 -3.23 18.70
CA PHE A 115 -14.91 -2.08 17.92
C PHE A 115 -15.48 -2.15 16.51
N GLN A 116 -15.70 -3.36 16.02
CA GLN A 116 -16.25 -3.56 14.69
C GLN A 116 -17.76 -3.34 14.66
N TYR A 117 -18.49 -3.94 15.58
CA TYR A 117 -19.93 -3.76 15.65
C TYR A 117 -20.39 -2.67 16.62
N ASP A 118 -19.44 -1.84 17.07
CA ASP A 118 -19.77 -0.61 17.79
C ASP A 118 -20.47 -0.86 19.12
N THR A 119 -19.95 -1.78 19.91
CA THR A 119 -20.48 -2.05 21.25
C THR A 119 -19.44 -1.73 22.33
N LEU A 120 -18.30 -1.18 21.90
CA LEU A 120 -17.19 -0.89 22.80
C LEU A 120 -17.53 0.22 23.81
N ASN A 121 -17.40 -0.10 25.09
CA ASN A 121 -17.69 0.86 26.15
C ASN A 121 -16.42 1.43 26.78
N ARG A 122 -16.53 2.64 27.32
CA ARG A 122 -15.46 3.21 28.10
C ARG A 122 -15.35 2.43 29.40
N PRO A 123 -14.11 2.15 29.85
CA PRO A 123 -13.89 1.38 31.08
C PRO A 123 -14.42 2.11 32.30
N PHE A 124 -14.74 1.36 33.36
CA PHE A 124 -15.32 1.95 34.56
C PHE A 124 -14.38 1.84 35.76
N GLN A 125 -14.21 0.61 36.27
CA GLN A 125 -13.35 0.39 37.42
C GLN A 125 -11.90 0.27 37.01
N PRO A 126 -10.97 0.53 37.96
CA PRO A 126 -9.54 0.40 37.73
C PRO A 126 -9.16 -1.03 37.34
N GLY A 127 -8.28 -1.17 36.35
CA GLY A 127 -7.90 -2.48 35.87
C GLY A 127 -8.65 -2.87 34.61
N GLN A 128 -9.82 -2.26 34.42
CA GLN A 128 -10.62 -2.49 33.22
C GLN A 128 -10.06 -1.70 32.06
N GLU A 129 -10.06 -2.30 30.87
CA GLU A 129 -9.46 -1.67 29.70
C GLU A 129 -10.30 -1.83 28.45
N MET A 130 -10.12 -0.91 27.51
CA MET A 130 -10.71 -1.03 26.19
C MET A 130 -9.80 -1.92 25.35
N ASP A 131 -10.39 -2.74 24.49
CA ASP A 131 -9.59 -3.63 23.64
C ASP A 131 -10.02 -3.59 22.19
N ILE A 132 -9.03 -3.63 21.30
CA ILE A 132 -9.28 -3.72 19.87
C ILE A 132 -8.89 -5.11 19.40
N ASP A 133 -9.83 -5.80 18.75
CA ASP A 133 -9.57 -7.14 18.26
C ASP A 133 -9.25 -7.13 16.77
N ASP A 134 -8.00 -6.84 16.45
CA ASP A 134 -7.56 -6.74 15.05
C ASP A 134 -6.86 -8.02 14.60
N GLY A 135 -7.57 -8.84 13.84
CA GLY A 135 -7.04 -10.10 13.38
C GLY A 135 -6.12 -9.97 12.19
N THR A 136 -5.16 -10.87 12.09
CA THR A 136 -4.24 -10.91 10.96
C THR A 136 -4.53 -12.14 10.11
N TYR A 137 -4.73 -11.94 8.81
CA TYR A 137 -5.07 -13.03 7.92
C TYR A 137 -3.91 -13.40 7.00
N MET A 138 -3.64 -14.70 6.91
CA MET A 138 -2.55 -15.21 6.09
C MET A 138 -3.07 -16.04 4.93
N PRO A 139 -3.18 -15.41 3.74
CA PRO A 139 -3.63 -16.09 2.52
C PRO A 139 -2.68 -17.22 2.12
N MET A 140 -3.11 -18.46 2.31
CA MET A 140 -2.30 -19.62 1.94
C MET A 140 -3.18 -20.69 1.31
N PRO A 141 -2.56 -21.66 0.63
CA PRO A 141 -3.29 -22.78 0.03
C PRO A 141 -4.06 -23.55 1.10
N ILE A 142 -5.19 -24.16 0.72
CA ILE A 142 -5.98 -24.95 1.66
C ILE A 142 -5.19 -26.14 2.15
N PHE A 143 -5.19 -26.35 3.46
CA PHE A 143 -4.45 -27.45 4.07
C PHE A 143 -5.33 -28.26 5.00
N GLU A 144 -4.92 -29.49 5.28
CA GLU A 144 -5.68 -30.38 6.16
C GLU A 144 -5.12 -30.35 7.57
N SER A 145 -3.86 -30.75 7.71
CA SER A 145 -3.21 -30.77 9.02
C SER A 145 -2.28 -29.58 9.20
N GLU A 146 -1.13 -29.62 8.54
CA GLU A 146 -0.14 -28.55 8.64
C GLU A 146 0.00 -27.80 7.33
N PRO A 147 -0.19 -26.47 7.38
CA PRO A 147 -0.11 -25.60 6.19
C PRO A 147 1.29 -25.55 5.60
N LYS A 148 1.41 -25.09 4.35
CA LYS A 148 2.69 -24.99 3.67
C LYS A 148 3.67 -24.14 4.48
N ILE A 149 3.28 -22.91 4.78
CA ILE A 149 4.09 -22.03 5.61
C ILE A 149 3.87 -22.37 7.08
N GLY A 150 4.95 -22.70 7.77
CA GLY A 150 4.89 -23.19 9.13
C GLY A 150 4.07 -22.37 10.12
N HIS A 151 3.40 -23.06 11.02
CA HIS A 151 2.61 -22.43 12.08
C HIS A 151 3.54 -21.68 13.02
N SER A 152 4.69 -22.28 13.32
CA SER A 152 5.67 -21.69 14.22
C SER A 152 6.24 -20.39 13.67
N LEU A 153 6.53 -20.38 12.38
CA LEU A 153 7.13 -19.21 11.74
C LEU A 153 6.18 -18.02 11.74
N LEU A 154 4.91 -18.27 11.43
CA LEU A 154 3.90 -17.22 11.39
C LEU A 154 3.71 -16.58 12.77
N ILE A 155 3.69 -17.42 13.80
CA ILE A 155 3.52 -16.95 15.17
C ILE A 155 4.72 -16.11 15.63
N LEU A 156 5.92 -16.55 15.24
CA LEU A 156 7.14 -15.83 15.63
C LEU A 156 7.23 -14.45 14.98
N LEU A 157 6.87 -14.38 13.70
CA LEU A 157 6.94 -13.12 12.97
C LEU A 157 5.94 -12.09 13.52
N VAL A 158 4.77 -12.56 13.92
CA VAL A 158 3.77 -11.69 14.53
C VAL A 158 4.26 -11.22 15.90
N ASP A 159 4.85 -12.14 16.66
CA ASP A 159 5.43 -11.81 17.96
C ASP A 159 6.54 -10.77 17.81
N ALA A 160 7.39 -10.96 16.82
CA ALA A 160 8.49 -10.04 16.55
C ALA A 160 7.97 -8.63 16.26
N SER A 161 6.89 -8.55 15.49
CA SER A 161 6.27 -7.28 15.17
C SER A 161 5.78 -6.58 16.42
N LEU A 162 5.04 -7.30 17.26
CA LEU A 162 4.47 -6.74 18.48
C LEU A 162 5.56 -6.36 19.48
N LYS A 163 6.56 -7.21 19.62
CA LYS A 163 7.66 -6.96 20.56
C LYS A 163 8.52 -5.79 20.12
N SER A 164 8.68 -5.63 18.81
CA SER A 164 9.48 -4.52 18.27
C SER A 164 8.82 -3.18 18.58
N LEU A 165 7.50 -3.19 18.66
CA LEU A 165 6.75 -1.99 18.97
C LEU A 165 6.79 -1.68 20.47
N VAL A 166 6.86 -2.73 21.28
CA VAL A 166 6.95 -2.57 22.73
C VAL A 166 8.28 -1.96 23.11
N ALA A 167 9.35 -2.37 22.41
CA ALA A 167 10.69 -1.86 22.68
C ALA A 167 10.81 -0.39 22.30
N GLU A 168 9.88 0.09 21.49
CA GLU A 168 9.89 1.47 21.04
C GLU A 168 8.94 2.36 21.84
N ASN A 169 8.28 1.79 22.84
CA ASN A 169 7.32 2.54 23.63
C ASN A 169 7.38 2.23 25.13
N HIS A 170 7.62 3.26 25.92
CA HIS A 170 7.56 3.13 27.38
C HIS A 170 6.11 2.88 27.81
N GLY A 171 5.92 1.96 28.74
CA GLY A 171 4.59 1.67 29.26
C GLY A 171 3.85 0.60 28.48
N TRP A 172 4.47 0.12 27.41
CA TRP A 172 3.89 -0.96 26.63
C TRP A 172 4.44 -2.30 27.09
N LYS A 173 3.61 -3.34 27.00
CA LYS A 173 4.06 -4.69 27.34
C LYS A 173 3.40 -5.74 26.47
N PHE A 174 4.14 -6.79 26.15
CA PHE A 174 3.64 -7.88 25.33
C PHE A 174 3.11 -9.02 26.21
N GLU A 175 2.05 -9.66 25.75
CA GLU A 175 1.49 -10.80 26.47
C GLU A 175 0.88 -11.80 25.49
N ALA A 176 1.22 -13.08 25.69
CA ALA A 176 0.75 -14.13 24.79
C ALA A 176 -0.43 -14.90 25.39
N LYS A 177 -1.57 -14.84 24.71
CA LYS A 177 -2.75 -15.62 25.10
C LYS A 177 -2.81 -16.87 24.24
N GLN A 178 -3.85 -17.68 24.43
CA GLN A 178 -3.97 -18.93 23.68
C GLN A 178 -4.41 -18.67 22.24
N THR A 179 -5.17 -17.60 22.01
CA THR A 179 -5.74 -17.33 20.70
C THR A 179 -5.13 -16.11 20.01
N CYS A 180 -4.24 -15.40 20.71
CA CYS A 180 -3.68 -14.18 20.13
C CYS A 180 -2.46 -13.66 20.88
N GLY A 181 -1.75 -12.73 20.25
CA GLY A 181 -0.70 -11.97 20.91
C GLY A 181 -1.27 -10.63 21.31
N ARG A 182 -0.76 -10.05 22.39
CA ARG A 182 -1.35 -8.83 22.94
C ARG A 182 -0.34 -7.78 23.34
N ILE A 183 -0.65 -6.53 23.00
CA ILE A 183 0.12 -5.39 23.48
C ILE A 183 -0.72 -4.61 24.49
N LYS A 184 -0.23 -4.53 25.72
CA LYS A 184 -0.97 -3.86 26.79
C LYS A 184 -0.40 -2.47 27.07
N ILE A 185 -1.29 -1.49 27.13
CA ILE A 185 -0.91 -0.13 27.48
C ILE A 185 -1.67 0.30 28.72
N GLU A 186 -1.15 -0.09 29.88
CA GLU A 186 -1.83 0.11 31.16
C GLU A 186 -2.20 1.56 31.45
N ALA A 187 -1.25 2.46 31.21
CA ALA A 187 -1.45 3.88 31.51
C ALA A 187 -2.57 4.50 30.68
N GLU A 188 -2.93 3.85 29.58
CA GLU A 188 -3.97 4.36 28.70
C GLU A 188 -5.24 3.51 28.79
N LYS A 189 -5.23 2.53 29.69
CA LYS A 189 -6.37 1.64 29.88
C LYS A 189 -6.73 0.94 28.57
N THR A 190 -5.72 0.56 27.81
CA THR A 190 -5.94 -0.01 26.48
C THR A 190 -5.03 -1.20 26.20
N HIS A 191 -5.57 -2.17 25.47
CA HIS A 191 -4.77 -3.28 24.97
C HIS A 191 -5.33 -3.78 23.64
N ILE A 192 -4.46 -4.21 22.75
CA ILE A 192 -4.88 -4.68 21.44
C ILE A 192 -4.55 -6.15 21.24
N ASN A 193 -5.55 -6.92 20.85
CA ASN A 193 -5.38 -8.35 20.62
C ASN A 193 -5.18 -8.66 19.14
N VAL A 194 -4.23 -9.55 18.84
CA VAL A 194 -3.93 -9.90 17.47
C VAL A 194 -4.03 -11.40 17.23
N PRO A 195 -5.25 -11.90 16.97
CA PRO A 195 -5.45 -13.29 16.58
C PRO A 195 -5.03 -13.51 15.14
N MET A 196 -4.45 -14.66 14.84
CA MET A 196 -3.99 -14.95 13.49
C MET A 196 -4.86 -16.02 12.82
N TYR A 197 -5.22 -15.76 11.56
CA TYR A 197 -6.06 -16.69 10.81
C TYR A 197 -5.39 -17.12 9.51
N ALA A 198 -5.72 -18.34 9.07
CA ALA A 198 -5.28 -18.83 7.77
C ALA A 198 -6.50 -18.95 6.85
N ILE A 199 -6.38 -18.40 5.65
CA ILE A 199 -7.48 -18.43 4.69
C ILE A 199 -6.99 -18.86 3.32
N PRO A 200 -7.90 -19.41 2.50
CA PRO A 200 -7.59 -19.88 1.14
C PRO A 200 -7.06 -18.74 0.27
N LYS A 201 -5.84 -18.91 -0.23
CA LYS A 201 -5.21 -17.88 -1.06
C LYS A 201 -5.93 -17.69 -2.39
N ASP A 202 -6.35 -18.81 -2.99
CA ASP A 202 -7.01 -18.78 -4.29
C ASP A 202 -8.35 -18.05 -4.23
N GLU A 203 -9.18 -18.41 -3.26
CA GLU A 203 -10.48 -17.77 -3.10
C GLU A 203 -10.33 -16.32 -2.67
N PHE A 204 -9.28 -16.06 -1.89
CA PHE A 204 -8.98 -14.70 -1.43
C PHE A 204 -8.69 -13.78 -2.60
N GLN A 205 -7.85 -14.24 -3.53
CA GLN A 205 -7.50 -13.46 -4.71
C GLN A 205 -8.72 -13.24 -5.60
N LYS A 206 -9.54 -14.27 -5.72
CA LYS A 206 -10.76 -14.22 -6.52
C LYS A 206 -11.72 -13.14 -6.01
N LYS A 207 -12.02 -13.19 -4.72
CA LYS A 207 -12.91 -12.22 -4.11
C LYS A 207 -12.34 -10.81 -4.12
N GLN A 208 -11.02 -10.71 -4.03
CA GLN A 208 -10.35 -9.42 -4.03
C GLN A 208 -10.42 -8.76 -5.40
N ILE A 209 -10.27 -9.57 -6.45
CA ILE A 209 -10.34 -9.08 -7.81
C ILE A 209 -11.74 -8.58 -8.15
N ALA A 210 -12.75 -9.34 -7.75
CA ALA A 210 -14.14 -8.99 -8.00
C ALA A 210 -14.52 -7.73 -7.22
N LEU A 211 -14.00 -7.62 -6.01
CA LEU A 211 -14.30 -6.49 -5.14
C LEU A 211 -13.86 -5.16 -5.74
N GLU A 212 -12.62 -5.12 -6.24
CA GLU A 212 -12.04 -3.89 -6.77
C GLU A 212 -12.70 -3.45 -8.07
N ALA A 213 -13.31 -4.40 -8.78
CA ALA A 213 -13.92 -4.13 -10.08
C ALA A 213 -15.38 -3.72 -9.95
N ASN A 214 -15.96 -3.93 -8.77
CA ASN A 214 -17.37 -3.63 -8.55
C ASN A 214 -17.64 -2.22 -8.04
N ARG A 215 -16.60 -1.55 -7.54
CA ARG A 215 -16.75 -0.20 -7.00
C ARG A 215 -15.81 0.80 -7.66
N TYR A 238 -16.40 -9.44 1.05
CA TYR A 238 -17.05 -10.60 0.44
C TYR A 238 -16.55 -11.88 1.11
N GLU A 239 -17.34 -12.39 2.04
CA GLU A 239 -16.94 -13.53 2.87
C GLU A 239 -16.48 -14.74 2.07
N LEU A 240 -15.45 -15.41 2.57
CA LEU A 240 -14.89 -16.61 1.95
C LEU A 240 -15.59 -17.84 2.51
N ASP A 241 -15.09 -19.02 2.16
CA ASP A 241 -15.62 -20.27 2.67
C ASP A 241 -15.32 -20.40 4.16
N SER A 242 -16.37 -20.37 4.98
CA SER A 242 -16.23 -20.36 6.43
C SER A 242 -15.44 -21.55 6.98
N GLU A 243 -15.58 -22.70 6.34
CA GLU A 243 -14.94 -23.92 6.81
C GLU A 243 -13.42 -23.90 6.62
N ASN A 244 -12.93 -22.92 5.87
CA ASN A 244 -11.50 -22.81 5.60
C ASN A 244 -10.84 -21.63 6.31
N VAL A 245 -11.56 -21.02 7.24
CA VAL A 245 -10.99 -19.95 8.06
C VAL A 245 -10.47 -20.55 9.36
N ASN A 246 -9.16 -20.77 9.42
CA ASN A 246 -8.55 -21.45 10.55
C ASN A 246 -7.83 -20.53 11.52
N LEU A 247 -8.25 -20.57 12.78
CA LEU A 247 -7.60 -19.79 13.84
C LEU A 247 -6.38 -20.53 14.37
N ALA A 248 -5.29 -19.79 14.56
CA ALA A 248 -4.05 -20.38 15.07
C ALA A 248 -4.03 -20.40 16.59
N LEU A 249 -3.91 -21.60 17.16
CA LEU A 249 -3.83 -21.76 18.60
C LEU A 249 -2.37 -21.83 19.05
N ARG A 250 -1.99 -20.93 19.95
CA ARG A 250 -0.60 -20.83 20.39
C ARG A 250 -0.19 -21.94 21.36
N GLU A 251 -0.96 -22.11 22.43
CA GLU A 251 -0.61 -23.06 23.48
C GLU A 251 -1.47 -24.32 23.45
N GLY A 252 -2.38 -24.40 22.49
CA GLY A 252 -3.30 -25.52 22.40
C GLY A 252 -2.66 -26.79 21.87
N ASP A 253 -3.36 -27.91 22.07
CA ASP A 253 -2.92 -29.19 21.54
C ASP A 253 -2.97 -29.14 20.02
N ARG A 254 -4.05 -28.56 19.50
CA ARG A 254 -4.22 -28.37 18.07
C ARG A 254 -3.58 -27.05 17.66
N LYS A 255 -2.80 -27.07 16.57
CA LYS A 255 -2.17 -25.86 16.06
C LYS A 255 -3.21 -24.95 15.42
N TRP A 256 -4.23 -25.55 14.81
CA TRP A 256 -5.27 -24.80 14.14
C TRP A 256 -6.65 -25.30 14.55
N ILE A 257 -7.62 -24.39 14.51
CA ILE A 257 -9.01 -24.74 14.77
C ILE A 257 -9.93 -23.86 13.94
N ASN A 258 -10.95 -24.46 13.34
CA ASN A 258 -11.87 -23.73 12.47
C ASN A 258 -12.80 -22.82 13.26
N SER A 259 -12.37 -21.58 13.45
CA SER A 259 -13.17 -20.59 14.16
C SER A 259 -13.30 -19.31 13.34
N ASP A 260 -14.40 -19.21 12.61
CA ASP A 260 -14.64 -18.05 11.75
C ASP A 260 -15.35 -16.93 12.50
N PRO A 261 -14.64 -15.81 12.73
CA PRO A 261 -15.18 -14.66 13.46
C PRO A 261 -16.27 -13.94 12.69
N LYS A 262 -16.37 -14.23 11.39
CA LYS A 262 -17.38 -13.60 10.55
C LYS A 262 -18.77 -14.12 10.91
N ILE A 263 -18.82 -15.33 11.46
CA ILE A 263 -20.08 -15.94 11.87
C ILE A 263 -20.75 -15.11 12.96
N VAL A 264 -19.96 -14.67 13.93
CA VAL A 264 -20.47 -13.90 15.05
C VAL A 264 -20.84 -12.48 14.64
N GLU A 265 -20.02 -11.88 13.78
CA GLU A 265 -20.27 -10.52 13.31
C GLU A 265 -21.55 -10.44 12.50
N ASP A 266 -21.72 -11.36 11.56
CA ASP A 266 -22.92 -11.40 10.73
C ASP A 266 -24.16 -11.67 11.57
N TRP A 267 -24.01 -12.54 12.57
CA TRP A 267 -25.12 -12.86 13.46
C TRP A 267 -25.62 -11.63 14.21
N PHE A 268 -24.68 -10.89 14.81
CA PHE A 268 -25.04 -9.70 15.58
C PHE A 268 -25.58 -8.58 14.70
N ASN A 269 -24.96 -8.41 13.54
CA ASN A 269 -25.41 -7.39 12.58
C ASN A 269 -26.81 -7.69 12.05
N ASP A 270 -27.08 -8.95 11.77
CA ASP A 270 -28.41 -9.37 11.32
C ASP A 270 -29.43 -9.18 12.43
N SER A 271 -28.99 -9.36 13.68
CA SER A 271 -29.86 -9.21 14.84
C SER A 271 -30.23 -7.74 15.05
N CYS A 272 -29.27 -6.85 14.80
CA CYS A 272 -29.52 -5.42 14.92
C CYS A 272 -30.51 -4.95 13.86
N ILE A 273 -30.43 -5.53 12.67
CA ILE A 273 -31.35 -5.22 11.60
C ILE A 273 -32.75 -5.77 11.91
N ARG A 274 -32.78 -6.99 12.42
CA ARG A 274 -34.04 -7.67 12.73
C ARG A 274 -34.76 -7.01 13.90
N ILE A 275 -33.99 -6.63 14.92
CA ILE A 275 -34.56 -6.09 16.16
C ILE A 275 -34.67 -4.57 16.14
N GLY A 276 -33.61 -3.89 15.76
CA GLY A 276 -33.61 -2.44 15.71
C GLY A 276 -32.31 -1.82 16.20
N LYS A 277 -32.24 -0.50 16.16
CA LYS A 277 -31.05 0.24 16.56
C LYS A 277 -30.86 0.25 18.07
N HIS A 278 -31.90 -0.13 18.80
CA HIS A 278 -31.86 -0.13 20.26
C HIS A 278 -31.11 -1.34 20.81
N LEU A 279 -30.81 -2.29 19.94
CA LEU A 279 -30.11 -3.51 20.35
C LEU A 279 -28.70 -3.21 20.83
N ARG A 280 -27.98 -2.38 20.08
CA ARG A 280 -26.61 -2.01 20.45
C ARG A 280 -26.58 -1.23 21.76
N LYS A 281 -27.62 -0.44 22.00
CA LYS A 281 -27.69 0.36 23.22
C LYS A 281 -27.89 -0.52 24.45
N VAL A 282 -28.87 -1.42 24.38
CA VAL A 282 -29.16 -2.31 25.50
C VAL A 282 -28.00 -3.28 25.76
N CYS A 283 -27.30 -3.65 24.69
CA CYS A 283 -26.12 -4.51 24.81
C CYS A 283 -25.00 -3.78 25.53
N ARG A 284 -24.88 -2.48 25.28
CA ARG A 284 -23.92 -1.64 25.98
C ARG A 284 -24.24 -1.56 27.46
N PHE A 285 -25.53 -1.41 27.77
CA PHE A 285 -25.99 -1.25 29.14
C PHE A 285 -25.72 -2.49 29.99
N MET A 286 -25.97 -3.66 29.42
CA MET A 286 -25.71 -4.92 30.13
C MET A 286 -24.22 -5.12 30.37
N LYS A 287 -23.40 -4.69 29.42
CA LYS A 287 -21.95 -4.75 29.57
C LYS A 287 -21.47 -3.75 30.61
N ALA A 288 -22.12 -2.59 30.65
CA ALA A 288 -21.81 -1.58 31.66
C ALA A 288 -22.22 -2.08 33.04
N TRP A 289 -23.35 -2.77 33.10
CA TRP A 289 -23.81 -3.40 34.32
C TRP A 289 -22.79 -4.44 34.77
N ARG A 290 -22.28 -5.20 33.81
CA ARG A 290 -21.29 -6.23 34.07
C ARG A 290 -20.00 -5.61 34.62
N ASP A 291 -19.60 -4.48 34.05
CA ASP A 291 -18.38 -3.80 34.49
C ASP A 291 -18.54 -3.18 35.88
N ALA A 292 -19.78 -2.91 36.27
CA ALA A 292 -20.06 -2.28 37.56
C ALA A 292 -20.13 -3.31 38.69
N GLN A 293 -20.58 -4.51 38.38
CA GLN A 293 -20.75 -5.56 39.38
C GLN A 293 -19.44 -6.30 39.64
N TRP A 294 -18.62 -6.44 38.60
CA TRP A 294 -17.33 -7.09 38.72
C TRP A 294 -16.21 -6.16 38.24
N ASP A 295 -15.16 -6.03 39.05
CA ASP A 295 -13.98 -5.31 38.60
C ASP A 295 -13.28 -6.17 37.54
N VAL A 296 -13.33 -7.48 37.77
CA VAL A 296 -12.83 -8.46 36.80
C VAL A 296 -13.74 -9.68 36.81
N GLY A 297 -14.00 -10.25 35.65
CA GLY A 297 -14.85 -11.43 35.55
C GLY A 297 -16.29 -11.09 35.21
N GLY A 298 -17.19 -11.99 35.55
CA GLY A 298 -18.59 -11.83 35.19
C GLY A 298 -18.87 -12.55 33.88
N PRO A 299 -20.11 -12.45 33.39
CA PRO A 299 -20.48 -13.09 32.13
C PRO A 299 -19.75 -12.46 30.95
N SER A 300 -19.41 -13.27 29.95
CA SER A 300 -18.74 -12.77 28.76
C SER A 300 -19.65 -11.83 27.98
N SER A 301 -19.04 -10.96 27.19
CA SER A 301 -19.79 -9.98 26.40
C SER A 301 -20.70 -10.66 25.38
N ILE A 302 -20.22 -11.75 24.79
CA ILE A 302 -20.97 -12.47 23.77
C ILE A 302 -22.17 -13.21 24.37
N SER A 303 -22.02 -13.66 25.61
CA SER A 303 -23.11 -14.35 26.29
C SER A 303 -24.24 -13.39 26.60
N LEU A 304 -23.87 -12.17 27.00
CA LEU A 304 -24.86 -11.13 27.26
C LEU A 304 -25.59 -10.73 25.98
N MET A 305 -24.84 -10.68 24.89
CA MET A 305 -25.40 -10.34 23.58
C MET A 305 -26.38 -11.41 23.11
N ALA A 306 -25.95 -12.66 23.17
CA ALA A 306 -26.78 -13.78 22.72
C ALA A 306 -28.08 -13.90 23.52
N ALA A 307 -27.97 -13.74 24.83
CA ALA A 307 -29.13 -13.82 25.71
C ALA A 307 -30.08 -12.66 25.44
N THR A 308 -29.52 -11.46 25.30
CA THR A 308 -30.33 -10.27 25.03
C THR A 308 -31.05 -10.38 23.69
N VAL A 309 -30.37 -10.96 22.70
CA VAL A 309 -30.96 -11.16 21.39
C VAL A 309 -32.14 -12.14 21.47
N ASN A 310 -31.95 -13.21 22.24
CA ASN A 310 -33.01 -14.19 22.44
C ASN A 310 -34.26 -13.59 23.08
N ILE A 311 -34.04 -12.64 23.98
CA ILE A 311 -35.15 -11.99 24.68
C ILE A 311 -35.93 -11.06 23.76
N LEU A 312 -35.22 -10.20 23.05
CA LEU A 312 -35.85 -9.22 22.17
C LEU A 312 -36.48 -9.87 20.95
N ASP A 313 -36.13 -11.12 20.69
CA ASP A 313 -36.73 -11.88 19.59
C ASP A 313 -37.99 -12.59 20.04
N SER A 314 -38.10 -12.83 21.34
CA SER A 314 -39.20 -13.63 21.89
C SER A 314 -40.21 -12.79 22.66
N VAL A 315 -39.75 -11.72 23.29
CA VAL A 315 -40.62 -10.90 24.13
C VAL A 315 -40.94 -9.55 23.50
N ALA A 316 -42.19 -9.15 23.60
CA ALA A 316 -42.63 -7.85 23.09
C ALA A 316 -42.04 -6.72 23.93
N HIS A 317 -41.64 -5.64 23.27
CA HIS A 317 -41.02 -4.51 23.95
C HIS A 317 -41.20 -3.22 23.17
N ASP A 318 -40.96 -2.09 23.84
CA ASP A 318 -41.09 -0.78 23.21
C ASP A 318 -39.71 -0.11 23.11
N ALA A 319 -39.28 0.16 21.89
CA ALA A 319 -37.97 0.76 21.66
C ALA A 319 -37.94 2.24 22.04
N SER A 320 -39.12 2.88 22.03
CA SER A 320 -39.23 4.29 22.37
C SER A 320 -38.98 4.52 23.86
N ASP A 321 -38.99 3.45 24.64
CA ASP A 321 -38.74 3.53 26.07
C ASP A 321 -37.77 2.43 26.51
N LEU A 322 -36.48 2.74 26.46
CA LEU A 322 -35.45 1.76 26.80
C LEU A 322 -35.42 1.48 28.30
N GLY A 323 -36.10 2.33 29.08
CA GLY A 323 -36.24 2.09 30.51
C GLY A 323 -37.10 0.87 30.76
N GLU A 324 -38.21 0.77 30.03
CA GLU A 324 -39.09 -0.38 30.12
C GLU A 324 -38.43 -1.61 29.51
N THR A 325 -37.71 -1.40 28.41
CA THR A 325 -37.03 -2.48 27.72
C THR A 325 -35.98 -3.15 28.61
N MET A 326 -35.20 -2.33 29.32
CA MET A 326 -34.18 -2.84 30.23
C MET A 326 -34.81 -3.63 31.37
N LYS A 327 -35.98 -3.20 31.82
CA LYS A 327 -36.72 -3.93 32.84
C LYS A 327 -37.15 -5.29 32.31
N ILE A 328 -37.63 -5.30 31.07
CA ILE A 328 -38.05 -6.53 30.42
C ILE A 328 -36.87 -7.48 30.22
N ILE A 329 -35.72 -6.92 29.85
CA ILE A 329 -34.51 -7.72 29.66
C ILE A 329 -34.01 -8.29 30.98
N ALA A 330 -33.96 -7.45 32.01
CA ALA A 330 -33.51 -7.87 33.33
C ALA A 330 -34.41 -8.95 33.91
N LYS A 331 -35.68 -8.94 33.53
CA LYS A 331 -36.65 -9.91 34.02
C LYS A 331 -36.39 -11.31 33.46
N HIS A 332 -36.03 -11.37 32.17
CA HIS A 332 -35.90 -12.66 31.48
C HIS A 332 -34.47 -13.21 31.45
N LEU A 333 -33.50 -12.38 31.80
CA LEU A 333 -32.09 -12.79 31.76
C LEU A 333 -31.75 -14.02 32.59
N PRO A 334 -32.20 -14.05 33.87
CA PRO A 334 -31.92 -15.18 34.75
C PRO A 334 -32.35 -16.51 34.16
N SER A 335 -33.51 -16.54 33.50
CA SER A 335 -34.01 -17.76 32.88
C SER A 335 -33.19 -18.14 31.64
N GLU A 336 -32.62 -17.13 30.98
CA GLU A 336 -31.79 -17.35 29.80
C GLU A 336 -30.49 -18.05 30.16
N PHE A 337 -29.85 -17.58 31.23
CA PHE A 337 -28.58 -18.15 31.68
C PHE A 337 -28.79 -19.49 32.40
N ALA A 338 -29.97 -19.68 32.98
CA ALA A 338 -30.30 -20.93 33.64
C ALA A 338 -30.45 -22.05 32.62
N ARG A 339 -31.08 -21.73 31.49
CA ARG A 339 -31.23 -22.68 30.40
C ARG A 339 -29.87 -23.01 29.78
N GLY A 340 -28.94 -22.07 29.90
CA GLY A 340 -27.67 -22.16 29.20
C GLY A 340 -27.75 -21.37 27.91
N VAL A 341 -26.71 -20.59 27.62
CA VAL A 341 -26.72 -19.72 26.46
C VAL A 341 -25.99 -20.34 25.28
N GLU A 342 -26.75 -20.70 24.24
CA GLU A 342 -26.18 -21.31 23.05
C GLU A 342 -25.38 -20.30 22.25
N SER A 343 -24.30 -20.77 21.63
CA SER A 343 -23.45 -19.91 20.81
C SER A 343 -24.06 -19.70 19.43
N PRO A 344 -23.95 -18.47 18.90
CA PRO A 344 -24.40 -18.15 17.54
C PRO A 344 -23.64 -19.00 16.51
N ASP A 345 -22.48 -19.50 16.91
CA ASP A 345 -21.67 -20.37 16.06
C ASP A 345 -21.85 -21.82 16.53
N SER A 346 -22.55 -22.61 15.73
CA SER A 346 -22.81 -24.01 16.06
C SER A 346 -21.53 -24.84 16.07
N THR A 347 -20.47 -24.28 15.51
CA THR A 347 -19.18 -24.96 15.45
C THR A 347 -18.52 -24.99 16.82
N ASP A 348 -18.93 -24.09 17.70
CA ASP A 348 -18.35 -23.99 19.05
C ASP A 348 -18.46 -25.30 19.83
N GLU A 349 -17.36 -25.66 20.50
CA GLU A 349 -17.30 -26.90 21.27
C GLU A 349 -18.07 -26.77 22.58
N LYS A 350 -18.35 -25.53 22.97
CA LYS A 350 -19.07 -25.28 24.22
C LYS A 350 -20.08 -24.16 24.04
N PRO A 351 -21.14 -24.16 24.88
CA PRO A 351 -22.10 -23.05 24.91
C PRO A 351 -21.44 -21.80 25.46
N LEU A 352 -22.05 -20.64 25.25
CA LEU A 352 -21.52 -19.40 25.79
C LEU A 352 -21.63 -19.41 27.32
N PHE A 353 -22.70 -20.01 27.82
CA PHE A 353 -22.90 -20.14 29.26
C PHE A 353 -23.55 -21.49 29.57
N PRO A 354 -23.03 -22.18 30.60
CA PRO A 354 -23.46 -23.53 30.97
C PRO A 354 -24.88 -23.55 31.54
N PRO A 355 -25.60 -24.66 31.36
CA PRO A 355 -26.93 -24.86 31.95
C PRO A 355 -26.84 -25.00 33.46
N SER A 356 -27.98 -24.89 34.15
CA SER A 356 -28.01 -24.88 35.61
C SER A 356 -27.37 -26.10 36.26
N TYR A 357 -27.56 -27.28 35.68
CA TYR A 357 -27.06 -28.50 36.27
C TYR A 357 -25.53 -28.63 36.19
N LYS A 358 -24.90 -27.68 35.49
CA LYS A 358 -23.45 -27.68 35.36
C LYS A 358 -22.84 -26.43 36.00
N HIS A 359 -23.63 -25.74 36.81
CA HIS A 359 -23.18 -24.50 37.44
C HIS A 359 -22.23 -24.74 38.62
N GLY A 360 -21.08 -24.08 38.58
CA GLY A 360 -20.16 -24.09 39.70
C GLY A 360 -20.26 -22.77 40.45
N PRO A 361 -19.26 -22.46 41.27
CA PRO A 361 -19.22 -21.22 42.04
C PRO A 361 -19.31 -19.99 41.14
N ARG A 362 -18.56 -20.01 40.03
CA ARG A 362 -18.54 -18.89 39.10
C ARG A 362 -19.91 -18.57 38.51
N GLU A 363 -20.61 -19.61 38.06
CA GLU A 363 -21.92 -19.43 37.44
C GLU A 363 -22.98 -19.05 38.47
N MET A 364 -22.86 -19.58 39.68
CA MET A 364 -23.78 -19.26 40.75
C MET A 364 -23.67 -17.79 41.15
N ASP A 365 -22.44 -17.29 41.17
CA ASP A 365 -22.20 -15.88 41.45
C ASP A 365 -22.83 -15.00 40.38
N ILE A 366 -22.74 -15.45 39.13
CA ILE A 366 -23.34 -14.74 38.02
C ILE A 366 -24.86 -14.76 38.11
N MET A 367 -25.42 -15.92 38.44
CA MET A 367 -26.87 -16.06 38.60
C MET A 367 -27.37 -15.18 39.73
N SER A 368 -26.56 -15.03 40.77
CA SER A 368 -26.94 -14.22 41.92
C SER A 368 -27.06 -12.75 41.55
N LYS A 369 -26.14 -12.28 40.71
CA LYS A 369 -26.14 -10.89 40.26
C LYS A 369 -27.29 -10.62 39.30
N LEU A 370 -27.56 -11.57 38.42
CA LEU A 370 -28.63 -11.44 37.43
C LEU A 370 -30.01 -11.33 38.08
N GLU A 371 -30.24 -12.16 39.09
CA GLU A 371 -31.52 -12.15 39.80
C GLU A 371 -31.71 -10.87 40.60
N ARG A 372 -30.60 -10.20 40.90
CA ARG A 372 -30.62 -8.97 41.68
C ARG A 372 -30.99 -7.76 40.83
N LEU A 373 -30.65 -7.83 39.54
CA LEU A 373 -30.82 -6.68 38.63
C LEU A 373 -32.25 -6.15 38.53
N PRO A 374 -33.22 -7.03 38.24
CA PRO A 374 -34.62 -6.59 38.11
C PRO A 374 -35.15 -5.94 39.38
N GLU A 375 -34.65 -6.36 40.53
CA GLU A 375 -35.03 -5.77 41.81
C GLU A 375 -34.51 -4.34 41.93
N ILE A 376 -33.32 -4.11 41.39
CA ILE A 376 -32.71 -2.79 41.43
C ILE A 376 -33.46 -1.80 40.53
N LEU A 377 -33.83 -2.25 39.35
CA LEU A 377 -34.55 -1.40 38.40
C LEU A 377 -35.94 -1.04 38.91
N SER A 378 -36.60 -1.99 39.55
CA SER A 378 -37.93 -1.77 40.12
C SER A 378 -37.86 -0.78 41.28
N SER A 379 -36.84 -0.94 42.12
CA SER A 379 -36.65 -0.07 43.28
C SER A 379 -36.42 1.37 42.87
N ALA A 380 -35.64 1.57 41.80
CA ALA A 380 -35.37 2.91 41.31
C ALA A 380 -36.62 3.54 40.72
N GLU A 381 -37.50 2.70 40.18
CA GLU A 381 -38.73 3.18 39.56
C GLU A 381 -39.73 3.67 40.60
N SER A 382 -39.64 3.12 41.81
CA SER A 382 -40.57 3.47 42.88
C SER A 382 -39.93 4.39 43.91
N ALA A 383 -38.85 5.05 43.52
CA ALA A 383 -38.14 5.96 44.42
C ALA A 383 -39.00 7.16 44.79
N ASP A 384 -38.65 7.82 45.89
CA ASP A 384 -39.44 8.95 46.40
C ASP A 384 -39.16 10.24 45.63
N SER A 385 -37.99 10.31 44.98
CA SER A 385 -37.61 11.50 44.24
C SER A 385 -36.65 11.17 43.10
N LYS A 386 -36.35 12.18 42.29
CA LYS A 386 -35.40 12.03 41.19
C LYS A 386 -34.02 11.69 41.74
N SER A 387 -33.64 12.36 42.82
CA SER A 387 -32.34 12.16 43.44
C SER A 387 -32.18 10.72 43.95
N GLU A 388 -33.21 10.24 44.65
CA GLU A 388 -33.19 8.88 45.17
C GLU A 388 -33.24 7.84 44.06
N ALA A 389 -34.00 8.15 43.02
CA ALA A 389 -34.13 7.25 41.88
C ALA A 389 -32.80 7.07 41.15
N LEU A 390 -32.01 8.15 41.11
CA LEU A 390 -30.72 8.12 40.44
C LEU A 390 -29.74 7.20 41.14
N LYS A 391 -29.60 7.35 42.44
CA LYS A 391 -28.65 6.54 43.21
C LYS A 391 -29.07 5.08 43.31
N LYS A 392 -30.36 4.81 43.20
CA LYS A 392 -30.85 3.44 43.23
C LYS A 392 -30.53 2.70 41.93
N ILE A 393 -30.82 3.34 40.80
CA ILE A 393 -30.52 2.74 39.50
C ILE A 393 -29.02 2.69 39.28
N ASN A 394 -28.29 3.60 39.94
CA ASN A 394 -26.84 3.61 39.87
C ASN A 394 -26.20 2.46 40.62
N MET A 395 -27.02 1.69 41.32
CA MET A 395 -26.54 0.48 41.99
C MET A 395 -26.25 -0.59 40.94
N ALA A 396 -26.93 -0.49 39.80
CA ALA A 396 -26.79 -1.46 38.73
C ALA A 396 -25.68 -1.09 37.75
N PHE A 397 -25.53 0.20 37.48
CA PHE A 397 -24.56 0.67 36.50
C PHE A 397 -23.43 1.47 37.13
N GLY A 398 -23.39 1.51 38.45
CA GLY A 398 -22.39 2.30 39.15
C GLY A 398 -22.69 3.78 39.01
N ASN A 399 -21.85 4.61 39.61
CA ASN A 399 -22.03 6.05 39.51
C ASN A 399 -21.37 6.62 38.25
N ARG A 400 -22.19 6.84 37.23
CA ARG A 400 -21.71 7.40 35.96
C ARG A 400 -22.53 8.63 35.61
N VAL A 401 -23.84 8.45 35.50
CA VAL A 401 -24.76 9.55 35.25
C VAL A 401 -25.02 10.29 36.55
N THR A 402 -24.64 11.57 36.59
CA THR A 402 -24.80 12.38 37.79
C THR A 402 -25.98 13.34 37.68
N ASN A 403 -26.61 13.38 36.51
CA ASN A 403 -27.71 14.30 36.25
C ASN A 403 -29.07 13.66 36.51
N SER A 404 -29.65 13.96 37.67
CA SER A 404 -30.92 13.38 38.07
C SER A 404 -32.09 13.99 37.30
N GLU A 405 -31.85 15.10 36.62
CA GLU A 405 -32.89 15.77 35.85
C GLU A 405 -33.22 15.01 34.57
N LEU A 406 -32.41 13.99 34.24
CA LEU A 406 -32.69 13.13 33.11
C LEU A 406 -33.88 12.23 33.42
N ILE A 407 -34.09 11.98 34.71
CA ILE A 407 -35.21 11.16 35.16
C ILE A 407 -36.48 11.99 35.23
N VAL A 408 -37.51 11.56 34.51
CA VAL A 408 -38.76 12.29 34.46
C VAL A 408 -39.91 11.52 35.09
N LEU A 409 -40.92 12.24 35.57
CA LEU A 409 -42.08 11.63 36.19
C LEU A 409 -42.92 10.92 35.13
N ALA A 410 -43.29 9.68 35.40
CA ALA A 410 -44.07 8.88 34.45
C ALA A 410 -45.48 9.45 34.26
N LYS A 411 -45.91 9.53 33.00
CA LYS A 411 -47.22 10.06 32.68
C LYS A 411 -48.34 9.14 33.18
N MET B 3 -18.56 28.33 1.20
CA MET B 3 -18.39 28.80 -0.16
C MET B 3 -17.72 27.75 -1.05
N THR B 4 -17.73 27.99 -2.35
CA THR B 4 -17.12 27.06 -3.31
C THR B 4 -16.16 27.80 -4.23
N TRP B 5 -14.95 27.26 -4.36
CA TRP B 5 -13.92 27.90 -5.18
C TRP B 5 -13.64 27.13 -6.47
N ASN B 6 -13.32 27.86 -7.53
CA ASN B 6 -12.92 27.26 -8.79
C ASN B 6 -11.42 27.39 -9.00
N PHE B 7 -10.77 26.30 -9.40
CA PHE B 7 -9.32 26.27 -9.50
C PHE B 7 -8.78 26.13 -10.92
N HIS B 8 -9.63 26.40 -11.91
CA HIS B 8 -9.22 26.26 -13.30
C HIS B 8 -8.03 27.15 -13.65
N GLN B 9 -8.10 28.40 -13.23
CA GLN B 9 -7.02 29.36 -13.49
C GLN B 9 -5.78 29.00 -12.68
N TYR B 10 -6.00 28.44 -11.48
CA TYR B 10 -4.91 27.99 -10.64
C TYR B 10 -4.08 26.92 -11.34
N TYR B 11 -4.75 26.09 -12.13
CA TYR B 11 -4.08 25.00 -12.85
C TYR B 11 -3.45 25.45 -14.16
N THR B 12 -4.19 26.23 -14.94
CA THR B 12 -3.85 26.45 -16.34
C THR B 12 -3.12 27.75 -16.68
N ASN B 13 -3.12 28.71 -15.77
CA ASN B 13 -2.44 29.99 -16.02
C ASN B 13 -0.96 29.79 -16.34
N ARG B 14 -0.56 30.17 -17.54
CA ARG B 14 0.79 29.89 -18.03
C ARG B 14 1.86 30.77 -17.36
N ASN B 15 1.41 31.71 -16.53
CA ASN B 15 2.34 32.59 -15.83
C ASN B 15 2.45 32.23 -14.34
N ASP B 16 1.39 32.51 -13.59
CA ASP B 16 1.39 32.28 -12.16
C ASP B 16 0.76 30.93 -11.79
N GLY B 17 0.08 30.32 -12.77
CA GLY B 17 -0.61 29.07 -12.55
C GLY B 17 0.33 27.89 -12.42
N LEU B 18 -0.24 26.71 -12.14
CA LEU B 18 0.56 25.50 -11.95
C LEU B 18 1.30 25.11 -13.22
N MET B 19 0.63 25.22 -14.36
CA MET B 19 1.27 24.96 -15.64
C MET B 19 2.43 25.91 -15.86
N GLY B 20 2.30 27.13 -15.34
CA GLY B 20 3.35 28.13 -15.44
C GLY B 20 4.55 27.79 -14.57
N LYS B 21 4.34 26.94 -13.59
CA LYS B 21 5.41 26.52 -12.69
C LYS B 21 6.05 25.22 -13.13
N LEU B 22 5.29 24.42 -13.88
CA LEU B 22 5.74 23.09 -14.30
C LEU B 22 6.48 23.12 -15.63
N VAL B 23 5.95 23.85 -16.61
CA VAL B 23 6.53 23.90 -17.94
C VAL B 23 7.95 24.48 -17.92
N LEU B 24 8.88 23.76 -18.56
CA LEU B 24 10.27 24.17 -18.60
C LEU B 24 10.46 25.55 -19.23
N THR B 25 11.35 26.34 -18.62
CA THR B 25 11.70 27.65 -19.17
C THR B 25 12.54 27.48 -20.42
N ASP B 26 12.74 28.57 -21.16
CA ASP B 26 13.55 28.53 -22.36
C ASP B 26 14.99 28.14 -22.06
N GLU B 27 15.48 28.55 -20.89
CA GLU B 27 16.83 28.22 -20.45
C GLU B 27 16.97 26.71 -20.26
N GLU B 28 15.99 26.11 -19.59
CA GLU B 28 16.04 24.69 -19.27
C GLU B 28 15.85 23.82 -20.50
N LYS B 29 14.94 24.22 -21.39
CA LYS B 29 14.61 23.44 -22.57
C LYS B 29 15.74 23.45 -23.60
N ASN B 30 16.29 24.62 -23.85
CA ASN B 30 17.40 24.76 -24.80
C ASN B 30 18.68 24.12 -24.27
N ASN B 31 18.83 24.11 -22.94
CA ASN B 31 20.01 23.51 -22.32
C ASN B 31 19.96 21.99 -22.39
N LEU B 32 18.75 21.43 -22.37
CA LEU B 32 18.58 19.99 -22.50
C LEU B 32 18.85 19.55 -23.94
N LYS B 33 18.40 20.35 -24.90
CA LYS B 33 18.65 20.05 -26.31
C LYS B 33 20.14 20.14 -26.62
N ALA B 34 20.80 21.13 -26.05
CA ALA B 34 22.24 21.30 -26.23
C ALA B 34 22.99 20.12 -25.62
N LEU B 35 22.51 19.65 -24.47
CA LEU B 35 23.12 18.52 -23.79
C LEU B 35 22.98 17.24 -24.61
N ARG B 36 21.80 17.04 -25.19
CA ARG B 36 21.53 15.87 -26.02
C ARG B 36 22.41 15.86 -27.25
N LYS B 37 22.64 17.04 -27.82
CA LYS B 37 23.46 17.17 -29.02
C LYS B 37 24.91 16.79 -28.73
N ILE B 38 25.42 17.27 -27.59
CA ILE B 38 26.78 16.97 -27.18
C ILE B 38 27.00 15.47 -27.02
N ILE B 39 26.01 14.78 -26.45
CA ILE B 39 26.09 13.35 -26.24
C ILE B 39 26.10 12.60 -27.57
N ARG B 40 25.20 12.99 -28.48
CA ARG B 40 25.10 12.34 -29.78
C ARG B 40 26.37 12.51 -30.60
N LEU B 41 26.94 13.70 -30.56
CA LEU B 41 28.16 13.99 -31.30
C LEU B 41 29.33 13.15 -30.79
N ARG B 42 29.47 13.07 -29.48
CA ARG B 42 30.55 12.30 -28.87
C ARG B 42 30.40 10.81 -29.13
N THR B 43 29.17 10.32 -29.06
CA THR B 43 28.90 8.91 -29.32
C THR B 43 29.18 8.56 -30.78
N ARG B 44 28.85 9.49 -31.67
CA ARG B 44 29.12 9.31 -33.09
C ARG B 44 30.62 9.27 -33.36
N ASP B 45 31.35 10.20 -32.75
CA ASP B 45 32.78 10.30 -32.93
C ASP B 45 33.52 9.09 -32.38
N VAL B 46 33.07 8.59 -31.24
CA VAL B 46 33.69 7.42 -30.61
C VAL B 46 33.57 6.19 -31.49
N PHE B 47 32.40 6.01 -32.12
CA PHE B 47 32.18 4.90 -33.03
C PHE B 47 33.04 5.04 -34.29
N GLU B 48 33.24 6.26 -34.74
CA GLU B 48 34.06 6.53 -35.92
C GLU B 48 35.53 6.21 -35.64
N GLU B 49 35.98 6.52 -34.43
CA GLU B 49 37.34 6.21 -34.02
C GLU B 49 37.54 4.72 -33.93
N ALA B 50 36.51 4.01 -33.48
CA ALA B 50 36.55 2.56 -33.37
C ALA B 50 36.49 1.91 -34.75
N LYS B 51 35.66 2.47 -35.62
CA LYS B 51 35.54 1.97 -36.99
C LYS B 51 36.82 2.24 -37.77
N GLY B 52 37.56 3.25 -37.34
CA GLY B 52 38.84 3.58 -37.94
C GLY B 52 39.88 2.52 -37.66
N ILE B 53 39.85 1.98 -36.44
CA ILE B 53 40.76 0.92 -36.05
C ILE B 53 40.40 -0.39 -36.76
N ALA B 54 39.10 -0.62 -36.90
CA ALA B 54 38.62 -1.80 -37.61
C ALA B 54 38.90 -1.67 -39.11
N LYS B 55 39.04 -0.43 -39.56
CA LYS B 55 39.37 -0.16 -40.95
C LYS B 55 40.85 -0.47 -41.21
N ALA B 56 41.63 -0.48 -40.14
CA ALA B 56 43.07 -0.75 -40.25
C ALA B 56 43.36 -2.25 -40.28
N VAL B 57 42.65 -3.01 -39.46
CA VAL B 57 42.86 -4.45 -39.38
C VAL B 57 42.45 -5.15 -40.67
N LYS B 58 41.42 -4.62 -41.33
CA LYS B 58 40.95 -5.19 -42.59
C LYS B 58 41.88 -4.80 -43.74
N LYS B 59 42.43 -3.59 -43.66
CA LYS B 59 43.41 -3.13 -44.63
C LYS B 59 44.64 -4.02 -44.61
N SER B 60 45.36 -3.98 -43.48
CA SER B 60 46.49 -4.86 -43.26
C SER B 60 46.41 -5.44 -41.85
N ALA B 61 46.50 -6.76 -41.76
CA ALA B 61 46.36 -7.46 -40.48
C ALA B 61 47.32 -6.92 -39.41
N LEU B 62 46.75 -6.47 -38.29
CA LEU B 62 47.54 -5.92 -37.21
C LEU B 62 47.50 -6.83 -35.98
N THR B 63 48.58 -6.80 -35.19
CA THR B 63 48.66 -7.61 -33.99
C THR B 63 47.79 -7.05 -32.88
N PHE B 64 47.62 -7.82 -31.82
CA PHE B 64 46.84 -7.38 -30.67
C PHE B 64 47.56 -6.25 -29.93
N GLU B 65 48.89 -6.23 -30.05
CA GLU B 65 49.69 -5.19 -29.42
C GLU B 65 49.46 -3.84 -30.09
N ILE B 66 49.42 -3.85 -31.42
CA ILE B 66 49.21 -2.63 -32.19
C ILE B 66 47.82 -2.06 -31.96
N ILE B 67 46.81 -2.93 -32.03
CA ILE B 67 45.43 -2.52 -31.84
C ILE B 67 45.21 -1.98 -30.42
N GLN B 68 45.95 -2.54 -29.47
CA GLN B 68 45.83 -2.13 -28.07
C GLN B 68 46.45 -0.75 -27.86
N GLU B 69 47.42 -0.41 -28.69
CA GLU B 69 48.09 0.88 -28.60
C GLU B 69 47.27 1.97 -29.27
N LYS B 70 46.59 1.63 -30.36
CA LYS B 70 45.75 2.57 -31.08
C LYS B 70 44.50 2.94 -30.27
N VAL B 71 44.02 2.00 -29.48
CA VAL B 71 42.84 2.24 -28.64
C VAL B 71 43.13 3.27 -27.57
N SER B 72 44.35 3.25 -27.05
CA SER B 72 44.75 4.16 -25.98
C SER B 72 44.93 5.60 -26.47
N THR B 73 44.82 5.79 -27.77
CA THR B 73 44.98 7.12 -28.35
C THR B 73 43.63 7.76 -28.68
N THR B 74 42.57 6.97 -28.56
CA THR B 74 41.22 7.45 -28.86
C THR B 74 40.50 7.89 -27.59
N GLN B 75 39.23 8.26 -27.74
CA GLN B 75 38.41 8.67 -26.61
C GLN B 75 38.14 7.50 -25.68
N ILE B 76 38.41 6.29 -26.16
CA ILE B 76 38.19 5.08 -25.39
C ILE B 76 39.18 4.97 -24.23
N LYS B 77 40.18 5.85 -24.23
CA LYS B 77 41.19 5.88 -23.20
C LYS B 77 40.61 6.22 -21.83
N HIS B 78 39.39 6.77 -21.83
CA HIS B 78 38.74 7.17 -20.59
C HIS B 78 38.08 6.01 -19.88
N LEU B 79 38.13 4.83 -20.49
CA LEU B 79 37.67 3.61 -19.83
C LEU B 79 38.81 3.06 -18.97
N SER B 80 38.49 2.13 -18.08
CA SER B 80 39.49 1.53 -17.22
C SER B 80 40.50 0.73 -18.05
N ASP B 81 41.62 0.36 -17.42
CA ASP B 81 42.66 -0.39 -18.11
C ASP B 81 42.16 -1.72 -18.65
N SER B 82 41.37 -2.42 -17.86
CA SER B 82 40.82 -3.72 -18.27
C SER B 82 39.81 -3.55 -19.40
N GLU B 83 39.01 -2.50 -19.32
CA GLU B 83 38.00 -2.22 -20.34
C GLU B 83 38.62 -1.87 -21.69
N GLN B 84 39.74 -1.16 -21.64
CA GLN B 84 40.45 -0.78 -22.87
C GLN B 84 41.01 -2.02 -23.57
N ARG B 85 41.55 -2.94 -22.78
CA ARG B 85 42.07 -4.20 -23.32
C ARG B 85 40.92 -5.06 -23.83
N GLU B 86 39.77 -4.94 -23.18
CA GLU B 86 38.58 -5.70 -23.56
C GLU B 86 38.05 -5.24 -24.91
N VAL B 87 38.09 -3.93 -25.13
CA VAL B 87 37.66 -3.35 -26.40
C VAL B 87 38.59 -3.74 -27.54
N ALA B 88 39.89 -3.66 -27.27
CA ALA B 88 40.91 -4.02 -28.25
C ALA B 88 40.85 -5.51 -28.56
N LYS B 89 40.40 -6.29 -27.58
CA LYS B 89 40.27 -7.74 -27.75
C LYS B 89 39.10 -8.08 -28.67
N LEU B 90 37.97 -7.40 -28.46
CA LEU B 90 36.78 -7.64 -29.27
C LEU B 90 37.00 -7.21 -30.72
N ILE B 91 37.81 -6.17 -30.91
CA ILE B 91 38.15 -5.70 -32.24
C ILE B 91 39.10 -6.68 -32.91
N TYR B 92 39.94 -7.34 -32.11
CA TYR B 92 40.92 -8.29 -32.63
C TYR B 92 40.31 -9.67 -32.82
N GLU B 93 39.49 -10.10 -31.86
CA GLU B 93 38.82 -11.39 -31.95
C GLU B 93 37.72 -11.37 -33.00
N MET B 94 37.38 -10.18 -33.46
CA MET B 94 36.33 -10.01 -34.46
C MET B 94 36.72 -10.64 -35.79
N ASP B 95 35.82 -11.43 -36.36
CA ASP B 95 36.07 -12.10 -37.63
C ASP B 95 35.84 -11.17 -38.82
N ASP B 96 35.89 -11.73 -40.02
CA ASP B 96 35.76 -10.95 -41.25
C ASP B 96 34.33 -10.48 -41.50
N ASP B 97 33.39 -11.41 -41.46
CA ASP B 97 31.99 -11.10 -41.74
C ASP B 97 31.39 -10.16 -40.69
N ALA B 98 31.79 -10.35 -39.45
CA ALA B 98 31.31 -9.51 -38.36
C ALA B 98 31.92 -8.12 -38.43
N ARG B 99 33.10 -8.02 -39.02
CA ARG B 99 33.80 -6.74 -39.16
C ARG B 99 33.16 -5.89 -40.25
N ASP B 100 32.67 -6.54 -41.30
CA ASP B 100 31.99 -5.83 -42.38
C ASP B 100 30.72 -5.18 -41.86
N GLU B 101 30.10 -5.81 -40.87
CA GLU B 101 28.91 -5.28 -40.23
C GLU B 101 29.27 -4.03 -39.42
N PHE B 102 30.39 -4.10 -38.71
CA PHE B 102 30.84 -3.02 -37.84
C PHE B 102 31.26 -1.78 -38.62
N LEU B 103 31.92 -2.01 -39.77
CA LEU B 103 32.38 -0.91 -40.60
C LEU B 103 31.22 -0.14 -41.23
N GLY B 104 30.07 -0.81 -41.33
CA GLY B 104 28.88 -0.19 -41.90
C GLY B 104 27.89 0.21 -40.84
N LEU B 105 28.30 0.14 -39.58
CA LEU B 105 27.44 0.48 -38.46
C LEU B 105 27.55 1.95 -38.06
N THR B 106 26.49 2.71 -38.31
CA THR B 106 26.42 4.09 -37.88
C THR B 106 25.25 4.28 -36.91
N PRO B 107 25.56 4.61 -35.65
CA PRO B 107 24.53 4.73 -34.60
C PRO B 107 23.58 5.90 -34.84
N ARG B 108 22.29 5.66 -34.62
CA ARG B 108 21.29 6.72 -34.69
C ARG B 108 20.72 7.00 -33.31
N PHE B 109 19.94 8.06 -33.19
CA PHE B 109 19.42 8.48 -31.89
C PHE B 109 17.95 8.87 -31.95
N TRP B 110 17.24 8.61 -30.86
CA TRP B 110 15.84 9.00 -30.73
C TRP B 110 15.48 9.18 -29.26
N THR B 111 14.86 10.30 -28.94
CA THR B 111 14.50 10.60 -27.56
C THR B 111 13.17 9.98 -27.17
N GLN B 112 13.17 9.30 -26.03
CA GLN B 112 11.94 8.73 -25.48
C GLN B 112 11.62 9.42 -24.16
N GLY B 113 10.39 9.26 -23.69
CA GLY B 113 10.01 9.81 -22.41
C GLY B 113 9.29 11.14 -22.48
N SER B 114 9.20 11.81 -21.34
CA SER B 114 8.43 13.05 -21.19
C SER B 114 8.93 14.18 -22.10
N PHE B 115 10.23 14.23 -22.33
CA PHE B 115 10.80 15.26 -23.20
C PHE B 115 10.32 15.08 -24.63
N GLN B 116 10.05 13.84 -25.01
CA GLN B 116 9.55 13.54 -26.35
C GLN B 116 8.06 13.89 -26.49
N TYR B 117 7.24 13.40 -25.57
CA TYR B 117 5.81 13.69 -25.62
C TYR B 117 5.37 14.89 -24.77
N ASP B 118 6.35 15.69 -24.36
CA ASP B 118 6.08 17.01 -23.78
C ASP B 118 5.31 16.97 -22.45
N THR B 119 5.75 16.10 -21.54
CA THR B 119 5.16 16.04 -20.21
C THR B 119 6.19 16.35 -19.12
N LEU B 120 7.39 16.75 -19.55
CA LEU B 120 8.49 17.00 -18.61
C LEU B 120 8.22 18.21 -17.72
N ASN B 121 8.31 17.99 -16.41
CA ASN B 121 8.09 19.05 -15.42
C ASN B 121 9.39 19.54 -14.80
N ARG B 122 9.37 20.79 -14.35
CA ARG B 122 10.48 21.33 -13.57
C ARG B 122 10.52 20.62 -12.23
N PRO B 123 11.73 20.30 -11.75
CA PRO B 123 11.89 19.60 -10.47
C PRO B 123 11.41 20.45 -9.31
N PHE B 124 10.94 19.80 -8.25
CA PHE B 124 10.37 20.53 -7.10
C PHE B 124 11.25 20.44 -5.86
N GLN B 125 11.36 19.24 -5.29
CA GLN B 125 12.14 19.04 -4.07
C GLN B 125 13.61 18.79 -4.38
N PRO B 126 14.49 19.08 -3.41
CA PRO B 126 15.93 18.80 -3.53
C PRO B 126 16.18 17.33 -3.77
N GLY B 127 17.04 17.02 -4.75
CA GLY B 127 17.33 15.64 -5.09
C GLY B 127 16.57 15.21 -6.33
N GLN B 128 15.46 15.90 -6.61
CA GLN B 128 14.68 15.62 -7.80
C GLN B 128 15.30 16.29 -9.02
N GLU B 129 15.35 15.57 -10.14
CA GLU B 129 15.99 16.08 -11.34
C GLU B 129 15.15 15.85 -12.59
N MET B 130 15.41 16.65 -13.61
CA MET B 130 14.83 16.44 -14.92
C MET B 130 15.67 15.40 -15.65
N ASP B 131 15.02 14.54 -16.42
CA ASP B 131 15.74 13.53 -17.19
C ASP B 131 15.30 13.49 -18.65
N ILE B 132 16.27 13.56 -19.56
CA ILE B 132 16.00 13.35 -20.98
C ILE B 132 16.47 11.95 -21.36
N ASP B 133 15.56 11.19 -21.96
CA ASP B 133 15.82 9.78 -22.26
C ASP B 133 16.16 9.59 -23.75
N ASP B 134 17.40 9.90 -24.10
CA ASP B 134 17.85 9.81 -25.48
C ASP B 134 18.57 8.48 -25.74
N GLY B 135 17.94 7.61 -26.51
CA GLY B 135 18.48 6.30 -26.78
C GLY B 135 19.38 6.23 -28.01
N THR B 136 20.32 5.29 -27.98
CA THR B 136 21.22 5.06 -29.11
C THR B 136 20.83 3.77 -29.82
N TYR B 137 20.57 3.86 -31.12
CA TYR B 137 20.11 2.71 -31.89
C TYR B 137 21.19 2.16 -32.80
N MET B 138 21.28 0.83 -32.88
CA MET B 138 22.31 0.17 -33.67
C MET B 138 21.71 -0.59 -34.85
N PRO B 139 21.76 0.01 -36.04
CA PRO B 139 21.28 -0.63 -37.27
C PRO B 139 22.12 -1.84 -37.66
N MET B 140 21.65 -3.04 -37.34
CA MET B 140 22.35 -4.26 -37.69
C MET B 140 21.36 -5.39 -37.99
N PRO B 141 21.82 -6.41 -38.73
CA PRO B 141 20.98 -7.52 -39.20
C PRO B 141 20.17 -8.17 -38.09
N ILE B 142 18.95 -8.58 -38.40
CA ILE B 142 18.09 -9.22 -37.42
C ILE B 142 18.78 -10.45 -36.84
N PHE B 143 18.65 -10.61 -35.53
CA PHE B 143 19.28 -11.71 -34.85
C PHE B 143 18.37 -12.39 -33.85
N GLU B 144 18.80 -13.58 -33.44
CA GLU B 144 18.35 -14.25 -32.24
C GLU B 144 19.68 -14.65 -31.62
N SER B 145 19.69 -14.98 -30.34
CA SER B 145 20.95 -15.30 -29.68
C SER B 145 21.85 -14.05 -29.60
N GLU B 146 22.93 -14.05 -30.38
CA GLU B 146 23.89 -12.95 -30.39
C GLU B 146 24.02 -12.42 -31.82
N PRO B 147 23.77 -11.10 -32.01
CA PRO B 147 23.87 -10.40 -33.31
C PRO B 147 25.35 -10.28 -33.65
N LYS B 148 25.69 -10.21 -34.93
CA LYS B 148 27.09 -10.17 -35.37
C LYS B 148 28.00 -9.30 -34.50
N ILE B 149 27.63 -8.03 -34.33
CA ILE B 149 28.38 -7.14 -33.46
C ILE B 149 28.07 -7.45 -31.99
N GLY B 150 29.10 -7.72 -31.21
CA GLY B 150 28.93 -8.14 -29.83
C GLY B 150 28.18 -7.17 -28.94
N HIS B 151 27.47 -7.71 -27.95
CA HIS B 151 26.74 -6.91 -26.99
C HIS B 151 27.69 -6.12 -26.10
N SER B 152 28.81 -6.76 -25.75
CA SER B 152 29.80 -6.16 -24.88
C SER B 152 30.49 -4.96 -25.52
N LEU B 153 30.84 -5.09 -26.80
CA LEU B 153 31.53 -4.03 -27.53
C LEU B 153 30.67 -2.77 -27.66
N LEU B 154 29.39 -2.96 -27.93
CA LEU B 154 28.47 -1.84 -28.10
C LEU B 154 28.29 -1.07 -26.79
N ILE B 155 28.27 -1.78 -25.68
CA ILE B 155 28.12 -1.17 -24.37
C ILE B 155 29.36 -0.38 -23.98
N LEU B 156 30.52 -0.93 -24.29
CA LEU B 156 31.79 -0.30 -23.97
C LEU B 156 31.98 1.02 -24.73
N LEU B 157 31.61 1.02 -26.00
CA LEU B 157 31.74 2.21 -26.83
C LEU B 157 30.83 3.34 -26.35
N VAL B 158 29.62 2.98 -25.93
CA VAL B 158 28.68 3.95 -25.39
C VAL B 158 29.16 4.48 -24.05
N ASP B 159 29.76 3.60 -23.25
CA ASP B 159 30.34 3.99 -21.97
C ASP B 159 31.53 4.92 -22.18
N ALA B 160 32.33 4.62 -23.21
CA ALA B 160 33.49 5.42 -23.54
C ALA B 160 33.08 6.85 -23.92
N SER B 161 31.96 6.96 -24.63
CA SER B 161 31.45 8.26 -25.04
C SER B 161 31.06 9.11 -23.84
N LEU B 162 30.23 8.55 -22.97
CA LEU B 162 29.74 9.26 -21.79
C LEU B 162 30.88 9.61 -20.83
N LYS B 163 31.76 8.65 -20.59
CA LYS B 163 32.89 8.86 -19.67
C LYS B 163 33.89 9.87 -20.21
N SER B 164 34.03 9.94 -21.54
CA SER B 164 34.93 10.90 -22.15
C SER B 164 34.42 12.32 -21.96
N LEU B 165 33.10 12.47 -21.94
CA LEU B 165 32.46 13.76 -21.71
C LEU B 165 32.53 14.14 -20.23
N VAL B 166 32.40 13.15 -19.36
CA VAL B 166 32.48 13.39 -17.92
C VAL B 166 33.86 13.91 -17.53
N ALA B 167 34.88 13.43 -18.22
CA ALA B 167 36.25 13.83 -17.94
C ALA B 167 36.51 15.27 -18.40
N GLU B 168 35.59 15.81 -19.19
CA GLU B 168 35.75 17.16 -19.72
C GLU B 168 34.85 18.17 -19.01
N ASN B 169 34.16 17.73 -17.97
CA ASN B 169 33.23 18.60 -17.25
C ASN B 169 33.25 18.41 -15.74
N HIS B 170 33.52 19.49 -15.02
CA HIS B 170 33.40 19.48 -13.56
C HIS B 170 31.93 19.34 -13.18
N GLY B 171 31.65 18.54 -12.16
CA GLY B 171 30.29 18.39 -11.67
C GLY B 171 29.52 17.27 -12.35
N TRP B 172 30.07 16.73 -13.44
CA TRP B 172 29.43 15.64 -14.15
C TRP B 172 29.86 14.30 -13.55
N LYS B 173 28.92 13.36 -13.49
CA LYS B 173 29.19 12.03 -12.96
C LYS B 173 28.57 10.96 -13.82
N PHE B 174 29.32 9.88 -14.06
CA PHE B 174 28.80 8.75 -14.82
C PHE B 174 28.22 7.68 -13.91
N GLU B 175 27.10 7.10 -14.32
CA GLU B 175 26.46 6.04 -13.55
C GLU B 175 25.96 4.94 -14.50
N ALA B 176 26.24 3.69 -14.13
CA ALA B 176 25.84 2.56 -14.96
C ALA B 176 24.59 1.87 -14.42
N LYS B 177 23.45 2.18 -15.01
CA LYS B 177 22.20 1.53 -14.64
C LYS B 177 22.07 0.20 -15.38
N GLN B 178 20.99 -0.51 -15.14
CA GLN B 178 20.78 -1.81 -15.76
C GLN B 178 20.38 -1.68 -17.23
N THR B 179 19.45 -0.78 -17.50
CA THR B 179 18.90 -0.62 -18.85
C THR B 179 19.51 0.55 -19.61
N CYS B 180 20.45 1.25 -18.99
CA CYS B 180 21.05 2.42 -19.62
C CYS B 180 22.25 2.96 -18.84
N GLY B 181 23.05 3.78 -19.52
CA GLY B 181 24.08 4.57 -18.88
C GLY B 181 23.60 6.00 -18.81
N ARG B 182 24.04 6.74 -17.79
CA ARG B 182 23.59 8.11 -17.62
C ARG B 182 24.69 9.05 -17.18
N ILE B 183 24.53 10.32 -17.50
CA ILE B 183 25.40 11.37 -16.99
C ILE B 183 24.60 12.24 -16.02
N LYS B 184 25.11 12.38 -14.80
CA LYS B 184 24.43 13.17 -13.78
C LYS B 184 25.07 14.54 -13.61
N ILE B 185 24.26 15.58 -13.73
CA ILE B 185 24.71 16.94 -13.48
C ILE B 185 23.90 17.54 -12.34
N GLU B 186 24.30 17.21 -11.11
CA GLU B 186 23.55 17.58 -9.92
C GLU B 186 23.34 19.08 -9.75
N ALA B 187 24.38 19.86 -10.03
CA ALA B 187 24.33 21.31 -9.86
C ALA B 187 23.25 21.94 -10.74
N GLU B 188 22.89 21.27 -11.82
CA GLU B 188 21.86 21.77 -12.71
C GLU B 188 20.58 20.97 -12.58
N LYS B 189 20.57 20.04 -11.61
CA LYS B 189 19.41 19.19 -11.35
C LYS B 189 18.97 18.45 -12.61
N THR B 190 19.94 17.88 -13.32
CA THR B 190 19.67 17.24 -14.60
C THR B 190 20.53 16.00 -14.81
N HIS B 191 19.94 14.99 -15.44
CA HIS B 191 20.69 13.81 -15.85
C HIS B 191 20.10 13.23 -17.13
N ILE B 192 20.96 12.75 -18.01
CA ILE B 192 20.53 12.19 -19.28
C ILE B 192 20.72 10.68 -19.34
N ASN B 193 19.64 9.97 -19.64
CA ASN B 193 19.69 8.51 -19.75
C ASN B 193 19.93 8.09 -21.20
N VAL B 194 20.86 7.16 -21.38
CA VAL B 194 21.20 6.68 -22.72
C VAL B 194 21.05 5.17 -22.84
N PRO B 195 19.82 4.70 -23.10
CA PRO B 195 19.57 3.29 -23.36
C PRO B 195 20.07 2.92 -24.76
N MET B 196 20.47 1.67 -24.96
CA MET B 196 20.95 1.23 -26.26
C MET B 196 20.00 0.21 -26.88
N TYR B 197 19.69 0.39 -28.16
CA TYR B 197 18.76 -0.50 -28.85
C TYR B 197 19.38 -1.11 -30.10
N ALA B 198 18.88 -2.28 -30.48
CA ALA B 198 19.27 -2.92 -31.72
C ALA B 198 18.05 -2.98 -32.65
N ILE B 199 18.23 -2.49 -33.87
CA ILE B 199 17.13 -2.46 -34.83
C ILE B 199 17.51 -3.14 -36.14
N PRO B 200 16.51 -3.70 -36.83
CA PRO B 200 16.71 -4.38 -38.12
C PRO B 200 17.20 -3.42 -39.19
N LYS B 201 18.33 -3.73 -39.81
CA LYS B 201 18.95 -2.85 -40.79
C LYS B 201 18.20 -2.78 -42.11
N ASP B 202 17.66 -3.92 -42.56
CA ASP B 202 17.00 -4.00 -43.85
C ASP B 202 15.86 -3.00 -44.03
N GLU B 203 14.84 -3.11 -43.19
CA GLU B 203 13.68 -2.23 -43.30
C GLU B 203 14.01 -0.82 -42.82
N PHE B 204 15.09 -0.67 -42.06
CA PHE B 204 15.55 0.63 -41.60
C PHE B 204 16.10 1.46 -42.77
N GLN B 205 16.93 0.82 -43.59
CA GLN B 205 17.51 1.48 -44.75
C GLN B 205 16.51 1.54 -45.90
N LYS B 206 15.59 0.59 -45.93
CA LYS B 206 14.58 0.53 -46.97
C LYS B 206 13.60 1.70 -46.88
N LYS B 207 13.36 2.17 -45.65
CA LYS B 207 12.45 3.28 -45.43
C LYS B 207 13.20 4.60 -45.32
N GLN B 208 14.51 4.52 -45.09
CA GLN B 208 15.33 5.72 -44.96
C GLN B 208 15.69 6.30 -46.32
N ILE B 209 15.72 5.44 -47.33
CA ILE B 209 15.97 5.88 -48.70
C ILE B 209 14.65 6.16 -49.40
N ALA B 210 13.58 5.55 -48.89
CA ALA B 210 12.25 5.75 -49.45
C ALA B 210 11.72 7.14 -49.14
N LEU B 211 11.85 7.55 -47.88
CA LEU B 211 11.41 8.88 -47.45
C LEU B 211 12.40 9.94 -47.92
N GLU B 212 13.58 9.49 -48.33
CA GLU B 212 14.62 10.40 -48.81
C GLU B 212 14.25 11.00 -50.15
N ALA B 213 13.59 10.20 -50.98
CA ALA B 213 13.22 10.63 -52.34
C ALA B 213 11.80 11.20 -52.38
N ASN B 214 11.20 11.41 -51.21
CA ASN B 214 9.84 11.92 -51.13
C ASN B 214 9.70 13.41 -51.45
N ARG B 215 10.22 14.27 -50.58
CA ARG B 215 10.07 15.71 -50.76
C ARG B 215 11.39 16.43 -51.02
N THR B 237 15.51 7.11 -37.80
CA THR B 237 14.96 5.85 -37.28
C THR B 237 13.66 5.49 -37.99
N TYR B 238 12.83 6.50 -38.21
CA TYR B 238 11.55 6.32 -38.90
C TYR B 238 10.65 5.32 -38.17
N GLU B 239 10.03 4.42 -38.94
CA GLU B 239 9.12 3.42 -38.37
C GLU B 239 9.56 2.02 -38.75
N LEU B 240 9.90 1.21 -37.75
CA LEU B 240 10.34 -0.16 -37.98
C LEU B 240 9.34 -1.15 -37.36
N ASP B 241 9.62 -2.43 -37.52
CA ASP B 241 8.79 -3.46 -36.90
C ASP B 241 9.10 -3.54 -35.41
N SER B 242 8.05 -3.55 -34.60
CA SER B 242 8.22 -3.48 -33.15
C SER B 242 8.74 -4.77 -32.53
N GLU B 243 8.76 -5.85 -33.32
CA GLU B 243 9.19 -7.14 -32.81
C GLU B 243 10.71 -7.32 -32.85
N ASN B 244 11.40 -6.52 -33.65
CA ASN B 244 12.85 -6.66 -33.80
C ASN B 244 13.65 -5.64 -32.99
N VAL B 245 12.96 -4.80 -32.23
CA VAL B 245 13.64 -3.80 -31.41
C VAL B 245 13.99 -4.35 -30.03
N ASN B 246 15.29 -4.52 -29.79
CA ASN B 246 15.75 -5.08 -28.52
C ASN B 246 16.48 -4.07 -27.65
N LEU B 247 16.19 -4.10 -26.36
CA LEU B 247 16.85 -3.23 -25.39
C LEU B 247 17.97 -4.01 -24.68
N ALA B 248 19.16 -3.42 -24.63
CA ALA B 248 20.31 -4.10 -24.06
C ALA B 248 20.33 -4.03 -22.53
N LEU B 249 20.56 -5.17 -21.89
CA LEU B 249 20.74 -5.23 -20.44
C LEU B 249 22.23 -5.25 -20.13
N ARG B 250 22.60 -4.74 -18.96
CA ARG B 250 24.01 -4.58 -18.62
C ARG B 250 24.60 -5.81 -17.92
N GLU B 251 24.19 -6.06 -16.69
CA GLU B 251 24.80 -7.13 -15.89
C GLU B 251 23.91 -8.37 -15.81
N GLY B 252 22.76 -8.34 -16.47
CA GLY B 252 21.83 -9.46 -16.43
C GLY B 252 22.35 -10.71 -17.12
N ASP B 253 21.61 -11.81 -16.97
CA ASP B 253 21.99 -13.07 -17.60
C ASP B 253 21.64 -13.07 -19.09
N ARG B 254 20.50 -12.47 -19.43
CA ARG B 254 20.12 -12.31 -20.83
C ARG B 254 20.56 -10.94 -21.33
N LYS B 255 21.24 -10.93 -22.47
CA LYS B 255 21.85 -9.71 -23.00
C LYS B 255 20.82 -8.74 -23.57
N TRP B 256 19.70 -9.27 -24.07
CA TRP B 256 18.71 -8.45 -24.75
C TRP B 256 17.29 -8.72 -24.27
N ILE B 257 16.38 -7.80 -24.62
CA ILE B 257 14.97 -7.94 -24.30
C ILE B 257 14.14 -7.08 -25.25
N ASN B 258 13.03 -7.63 -25.72
CA ASN B 258 12.17 -6.92 -26.66
C ASN B 258 11.33 -5.84 -25.98
N SER B 259 11.72 -4.59 -26.17
CA SER B 259 11.02 -3.46 -25.56
C SER B 259 11.14 -2.21 -26.40
N ASP B 260 10.27 -2.07 -27.40
CA ASP B 260 10.26 -0.89 -28.26
C ASP B 260 9.54 0.26 -27.56
N PRO B 261 10.29 1.34 -27.28
CA PRO B 261 9.74 2.51 -26.59
C PRO B 261 8.74 3.27 -27.46
N LYS B 262 8.71 2.95 -28.75
CA LYS B 262 7.81 3.63 -29.69
C LYS B 262 6.35 3.26 -29.40
N ILE B 263 6.15 2.10 -28.80
CA ILE B 263 4.80 1.65 -28.45
C ILE B 263 4.18 2.54 -27.39
N VAL B 264 4.95 2.86 -26.36
CA VAL B 264 4.49 3.74 -25.29
C VAL B 264 4.29 5.16 -25.82
N GLU B 265 5.15 5.55 -26.74
CA GLU B 265 5.10 6.90 -27.33
C GLU B 265 3.86 7.06 -28.20
N ASP B 266 3.60 6.08 -29.06
CA ASP B 266 2.44 6.11 -29.94
C ASP B 266 1.14 6.04 -29.13
N TRP B 267 1.14 5.22 -28.08
CA TRP B 267 -0.03 5.06 -27.24
C TRP B 267 -0.44 6.37 -26.57
N PHE B 268 0.53 7.07 -26.00
CA PHE B 268 0.26 8.33 -25.31
C PHE B 268 -0.14 9.44 -26.29
N ASN B 269 0.53 9.49 -27.42
CA ASN B 269 0.20 10.47 -28.45
C ASN B 269 -1.20 10.27 -29.01
N ASP B 270 -1.57 9.01 -29.24
CA ASP B 270 -2.91 8.69 -29.71
C ASP B 270 -3.95 9.02 -28.65
N SER B 271 -3.58 8.82 -27.38
CA SER B 271 -4.47 9.12 -26.26
C SER B 271 -4.76 10.61 -26.17
N CYS B 272 -3.72 11.42 -26.39
CA CYS B 272 -3.87 12.87 -26.36
C CYS B 272 -4.78 13.36 -27.48
N ILE B 273 -4.73 12.67 -28.61
CA ILE B 273 -5.57 13.01 -29.75
C ILE B 273 -7.02 12.58 -29.49
N ARG B 274 -7.18 11.40 -28.89
CA ARG B 274 -8.49 10.86 -28.60
C ARG B 274 -9.19 11.65 -27.49
N ILE B 275 -8.47 11.91 -26.41
CA ILE B 275 -9.05 12.56 -25.23
C ILE B 275 -9.05 14.08 -25.35
N GLY B 276 -7.93 14.66 -25.76
CA GLY B 276 -7.83 16.10 -25.91
C GLY B 276 -6.54 16.70 -25.39
N LYS B 277 -6.40 18.01 -25.56
CA LYS B 277 -5.19 18.72 -25.17
C LYS B 277 -5.01 18.79 -23.65
N HIS B 278 -6.09 18.59 -22.92
CA HIS B 278 -6.05 18.67 -21.46
C HIS B 278 -5.39 17.45 -20.83
N LEU B 279 -5.19 16.40 -21.62
CA LEU B 279 -4.58 15.17 -21.13
C LEU B 279 -3.16 15.40 -20.62
N ARG B 280 -2.34 16.08 -21.43
CA ARG B 280 -0.97 16.38 -21.04
C ARG B 280 -0.91 17.25 -19.81
N LYS B 281 -1.90 18.13 -19.67
CA LYS B 281 -1.96 19.04 -18.52
C LYS B 281 -2.25 18.29 -17.22
N VAL B 282 -3.27 17.45 -17.24
CA VAL B 282 -3.63 16.67 -16.05
C VAL B 282 -2.56 15.64 -15.73
N CYS B 283 -1.84 15.20 -16.74
CA CYS B 283 -0.72 14.27 -16.54
C CYS B 283 0.44 14.96 -15.84
N ARG B 284 0.65 16.23 -16.19
CA ARG B 284 1.67 17.04 -15.53
C ARG B 284 1.29 17.27 -14.07
N PHE B 285 0.01 17.53 -13.83
CA PHE B 285 -0.49 17.81 -12.49
C PHE B 285 -0.32 16.62 -11.55
N MET B 286 -0.64 15.43 -12.05
CA MET B 286 -0.49 14.21 -11.26
C MET B 286 0.96 13.91 -10.93
N LYS B 287 1.84 14.16 -11.90
CA LYS B 287 3.27 13.98 -11.70
C LYS B 287 3.81 15.03 -10.73
N ALA B 288 3.21 16.21 -10.76
CA ALA B 288 3.56 17.28 -9.83
C ALA B 288 3.12 16.91 -8.42
N TRP B 289 1.96 16.27 -8.32
CA TRP B 289 1.46 15.76 -7.06
C TRP B 289 2.40 14.69 -6.52
N ARG B 290 2.85 13.81 -7.42
CA ARG B 290 3.76 12.73 -7.06
C ARG B 290 5.09 13.28 -6.53
N ASP B 291 5.56 14.36 -7.13
CA ASP B 291 6.82 14.97 -6.73
C ASP B 291 6.70 15.68 -5.38
N ALA B 292 5.49 16.12 -5.06
CA ALA B 292 5.26 16.86 -3.82
C ALA B 292 5.06 15.92 -2.62
N GLN B 293 4.49 14.75 -2.88
CA GLN B 293 4.21 13.79 -1.82
C GLN B 293 5.44 12.96 -1.46
N TRP B 294 6.27 12.68 -2.45
CA TRP B 294 7.51 11.94 -2.23
C TRP B 294 8.70 12.69 -2.82
N ASP B 295 9.74 12.89 -2.02
CA ASP B 295 10.98 13.44 -2.55
C ASP B 295 11.61 12.38 -3.44
N VAL B 296 11.42 11.12 -3.05
CA VAL B 296 11.87 9.98 -3.84
C VAL B 296 10.84 8.86 -3.72
N GLY B 297 10.52 8.23 -4.84
CA GLY B 297 9.56 7.14 -4.84
C GLY B 297 8.19 7.56 -5.35
N GLY B 298 7.18 6.78 -5.00
CA GLY B 298 5.83 7.03 -5.48
C GLY B 298 5.56 6.24 -6.75
N PRO B 299 4.35 6.36 -7.30
CA PRO B 299 3.97 5.65 -8.52
C PRO B 299 4.76 6.17 -9.72
N SER B 300 5.10 5.28 -10.65
CA SER B 300 5.86 5.67 -11.83
C SER B 300 5.06 6.64 -12.69
N SER B 301 5.76 7.38 -13.55
CA SER B 301 5.11 8.35 -14.43
C SER B 301 4.21 7.66 -15.44
N ILE B 302 4.62 6.48 -15.89
CA ILE B 302 3.84 5.72 -16.87
C ILE B 302 2.56 5.17 -16.26
N SER B 303 2.61 4.79 -15.00
CA SER B 303 1.44 4.26 -14.31
C SER B 303 0.40 5.36 -14.09
N LEU B 304 0.87 6.55 -13.75
CA LEU B 304 -0.01 7.70 -13.55
C LEU B 304 -0.68 8.11 -14.86
N MET B 305 0.07 7.99 -15.95
CA MET B 305 -0.44 8.33 -17.28
C MET B 305 -1.50 7.33 -17.72
N ALA B 306 -1.23 6.04 -17.52
CA ALA B 306 -2.13 4.98 -17.93
C ALA B 306 -3.45 5.03 -17.16
N ALA B 307 -3.35 5.28 -15.85
CA ALA B 307 -4.53 5.36 -15.00
C ALA B 307 -5.39 6.56 -15.36
N THR B 308 -4.74 7.68 -15.65
CA THR B 308 -5.44 8.91 -16.01
C THR B 308 -6.11 8.76 -17.37
N VAL B 309 -5.46 8.03 -18.27
CA VAL B 309 -6.02 7.79 -19.60
C VAL B 309 -7.26 6.90 -19.52
N ASN B 310 -7.20 5.87 -18.68
CA ASN B 310 -8.33 4.97 -18.49
C ASN B 310 -9.54 5.67 -17.88
N ILE B 311 -9.28 6.65 -17.01
CA ILE B 311 -10.34 7.39 -16.35
C ILE B 311 -11.03 8.36 -17.31
N LEU B 312 -10.24 9.11 -18.06
CA LEU B 312 -10.78 10.10 -18.99
C LEU B 312 -11.48 9.43 -20.17
N ASP B 313 -11.17 8.17 -20.42
CA ASP B 313 -11.80 7.42 -21.50
C ASP B 313 -13.17 6.89 -21.12
N SER B 314 -13.36 6.61 -19.83
CA SER B 314 -14.58 5.96 -19.37
C SER B 314 -15.40 6.80 -18.39
N VAL B 315 -14.93 8.01 -18.10
CA VAL B 315 -15.63 8.89 -17.18
C VAL B 315 -15.90 10.25 -17.80
N ALA B 316 -17.16 10.71 -17.70
CA ALA B 316 -17.55 12.00 -18.24
C ALA B 316 -16.85 13.14 -17.50
N HIS B 317 -16.39 14.13 -18.26
CA HIS B 317 -15.69 15.27 -17.67
C HIS B 317 -15.77 16.48 -18.59
N ASP B 318 -15.52 17.67 -18.02
CA ASP B 318 -15.56 18.91 -18.78
C ASP B 318 -14.16 19.51 -18.87
N ALA B 319 -13.61 19.51 -20.08
CA ALA B 319 -12.26 20.01 -20.31
C ALA B 319 -12.14 21.51 -20.08
N SER B 320 -13.27 22.21 -20.17
CA SER B 320 -13.29 23.66 -19.97
C SER B 320 -13.01 24.02 -18.50
N ASP B 321 -13.11 23.01 -17.63
CA ASP B 321 -12.84 23.21 -16.21
C ASP B 321 -11.94 22.09 -15.70
N LEU B 322 -10.64 22.33 -15.70
CA LEU B 322 -9.68 21.33 -15.23
C LEU B 322 -9.71 21.20 -13.71
N GLY B 323 -10.35 22.16 -13.05
CA GLY B 323 -10.53 22.11 -11.61
C GLY B 323 -11.43 20.96 -11.23
N GLU B 324 -12.56 20.84 -11.92
CA GLU B 324 -13.48 19.74 -11.70
C GLU B 324 -12.92 18.44 -12.26
N THR B 325 -12.21 18.54 -13.37
CA THR B 325 -11.60 17.38 -14.01
C THR B 325 -10.59 16.70 -13.08
N MET B 326 -9.82 17.51 -12.37
CA MET B 326 -8.84 17.00 -11.42
C MET B 326 -9.52 16.30 -10.25
N LYS B 327 -10.70 16.81 -9.87
CA LYS B 327 -11.49 16.18 -8.81
C LYS B 327 -11.99 14.83 -9.28
N ILE B 328 -12.45 14.78 -10.53
CA ILE B 328 -12.95 13.54 -11.12
C ILE B 328 -11.85 12.49 -11.19
N ILE B 329 -10.64 12.93 -11.52
CA ILE B 329 -9.49 12.03 -11.60
C ILE B 329 -9.04 11.57 -10.23
N ALA B 330 -9.01 12.50 -9.28
CA ALA B 330 -8.54 12.20 -7.92
C ALA B 330 -9.40 11.15 -7.23
N LYS B 331 -10.70 11.15 -7.50
CA LYS B 331 -11.62 10.24 -6.84
C LYS B 331 -11.68 8.86 -7.51
N HIS B 332 -11.21 8.79 -8.75
CA HIS B 332 -11.24 7.54 -9.50
C HIS B 332 -9.89 6.83 -9.56
N LEU B 333 -8.83 7.53 -9.14
CA LEU B 333 -7.48 7.00 -9.20
C LEU B 333 -7.26 5.75 -8.33
N PRO B 334 -7.68 5.81 -7.06
CA PRO B 334 -7.51 4.67 -6.15
C PRO B 334 -8.10 3.38 -6.70
N SER B 335 -9.20 3.50 -7.44
CA SER B 335 -9.84 2.34 -8.05
C SER B 335 -8.98 1.76 -9.17
N GLU B 336 -8.29 2.63 -9.89
CA GLU B 336 -7.42 2.21 -10.98
C GLU B 336 -6.21 1.44 -10.46
N PHE B 337 -5.60 1.94 -9.40
CA PHE B 337 -4.42 1.31 -8.82
C PHE B 337 -4.77 0.07 -7.99
N ALA B 338 -5.98 0.05 -7.44
CA ALA B 338 -6.44 -1.08 -6.65
C ALA B 338 -6.69 -2.30 -7.55
N ARG B 339 -7.26 -2.05 -8.72
CA ARG B 339 -7.51 -3.12 -9.69
C ARG B 339 -6.23 -3.49 -10.43
N GLY B 340 -5.21 -2.64 -10.28
CA GLY B 340 -3.96 -2.82 -10.99
C GLY B 340 -3.98 -2.05 -12.30
N VAL B 341 -2.83 -1.51 -12.69
CA VAL B 341 -2.73 -0.75 -13.92
C VAL B 341 -1.97 -1.53 -14.99
N GLU B 342 -2.71 -1.98 -16.01
CA GLU B 342 -2.11 -2.75 -17.08
C GLU B 342 -1.32 -1.87 -18.03
N SER B 343 -0.18 -2.37 -18.49
CA SER B 343 0.67 -1.61 -19.40
C SER B 343 0.05 -1.49 -20.78
N PRO B 344 0.25 -0.33 -21.43
CA PRO B 344 -0.19 -0.11 -22.81
C PRO B 344 0.63 -0.97 -23.76
N ASP B 345 1.76 -1.47 -23.27
CA ASP B 345 2.62 -2.36 -24.03
C ASP B 345 2.41 -3.80 -23.55
N SER B 346 1.80 -4.61 -24.41
CA SER B 346 1.48 -6.00 -24.06
C SER B 346 2.75 -6.83 -23.86
N THR B 347 3.86 -6.34 -24.40
CA THR B 347 5.13 -7.05 -24.30
C THR B 347 5.65 -7.11 -22.87
N ASP B 348 5.26 -6.13 -22.06
CA ASP B 348 5.66 -6.07 -20.66
C ASP B 348 5.19 -7.32 -19.91
N GLU B 349 6.02 -7.78 -18.97
CA GLU B 349 5.66 -8.92 -18.15
C GLU B 349 4.61 -8.55 -17.11
N LYS B 350 5.01 -7.72 -16.15
CA LYS B 350 4.11 -7.28 -15.09
C LYS B 350 3.35 -6.03 -15.53
N PRO B 351 2.18 -5.78 -14.91
CA PRO B 351 1.44 -4.55 -15.12
C PRO B 351 2.23 -3.37 -14.58
N LEU B 352 1.84 -2.15 -14.95
CA LEU B 352 2.52 -0.95 -14.46
C LEU B 352 2.39 -0.87 -12.94
N PHE B 353 1.25 -1.33 -12.43
CA PHE B 353 1.00 -1.35 -10.99
C PHE B 353 0.26 -2.62 -10.60
N PRO B 354 0.68 -3.25 -9.50
CA PRO B 354 0.11 -4.53 -9.04
C PRO B 354 -1.33 -4.39 -8.57
N PRO B 355 -2.13 -5.46 -8.74
CA PRO B 355 -3.50 -5.50 -8.21
C PRO B 355 -3.47 -5.55 -6.68
N SER B 356 -4.54 -5.11 -6.04
CA SER B 356 -4.58 -4.95 -4.59
C SER B 356 -4.19 -6.19 -3.80
N TYR B 357 -4.45 -7.37 -4.35
CA TYR B 357 -4.15 -8.61 -3.63
C TYR B 357 -2.66 -8.96 -3.66
N LYS B 358 -1.89 -8.15 -4.38
CA LYS B 358 -0.44 -8.33 -4.43
C LYS B 358 0.27 -7.13 -3.81
N HIS B 359 -0.51 -6.20 -3.28
CA HIS B 359 0.05 -4.97 -2.71
C HIS B 359 0.85 -5.22 -1.44
N GLY B 360 2.06 -4.66 -1.41
CA GLY B 360 2.89 -4.68 -0.22
C GLY B 360 2.90 -3.32 0.44
N PRO B 361 3.85 -3.09 1.35
CA PRO B 361 3.98 -1.80 2.05
C PRO B 361 4.12 -0.62 1.07
N ARG B 362 4.91 -0.80 0.02
CA ARG B 362 5.11 0.25 -0.97
C ARG B 362 3.81 0.64 -1.66
N GLU B 363 3.10 -0.35 -2.18
CA GLU B 363 1.83 -0.10 -2.86
C GLU B 363 0.78 0.39 -1.87
N MET B 364 0.93 -0.02 -0.61
CA MET B 364 0.00 0.38 0.44
C MET B 364 0.14 1.88 0.72
N ASP B 365 1.39 2.34 0.80
CA ASP B 365 1.67 3.74 1.05
C ASP B 365 1.20 4.62 -0.11
N ILE B 366 1.31 4.09 -1.33
CA ILE B 366 0.86 4.81 -2.52
C ILE B 366 -0.66 4.95 -2.54
N MET B 367 -1.34 3.87 -2.15
CA MET B 367 -2.80 3.89 -2.08
C MET B 367 -3.29 4.89 -1.04
N SER B 368 -2.52 5.02 0.05
CA SER B 368 -2.89 5.91 1.14
C SER B 368 -2.91 7.37 0.71
N LYS B 369 -1.87 7.80 0.00
CA LYS B 369 -1.77 9.18 -0.44
C LYS B 369 -2.73 9.49 -1.59
N LEU B 370 -3.03 8.47 -2.39
CA LEU B 370 -4.00 8.62 -3.47
C LEU B 370 -5.40 8.90 -2.93
N GLU B 371 -5.78 8.17 -1.89
CA GLU B 371 -7.08 8.33 -1.27
C GLU B 371 -7.17 9.65 -0.50
N ARG B 372 -6.02 10.23 -0.18
CA ARG B 372 -5.94 11.49 0.54
C ARG B 372 -6.11 12.68 -0.41
N LEU B 373 -5.81 12.46 -1.69
CA LEU B 373 -5.85 13.52 -2.69
C LEU B 373 -7.23 14.17 -2.85
N PRO B 374 -8.27 13.36 -3.08
CA PRO B 374 -9.63 13.89 -3.25
C PRO B 374 -10.11 14.65 -2.02
N GLU B 375 -9.64 14.25 -0.85
CA GLU B 375 -9.98 14.94 0.39
C GLU B 375 -9.37 16.34 0.40
N ILE B 376 -8.15 16.46 -0.13
CA ILE B 376 -7.45 17.73 -0.18
C ILE B 376 -8.12 18.70 -1.15
N LEU B 377 -8.44 18.20 -2.35
CA LEU B 377 -9.07 19.02 -3.38
C LEU B 377 -10.47 19.48 -2.94
N SER B 378 -11.17 18.60 -2.24
CA SER B 378 -12.50 18.91 -1.73
C SER B 378 -12.41 19.95 -0.60
N SER B 379 -11.42 19.78 0.27
CA SER B 379 -11.22 20.69 1.39
C SER B 379 -10.87 22.09 0.92
N ALA B 380 -10.05 22.17 -0.12
CA ALA B 380 -9.64 23.46 -0.66
C ALA B 380 -10.80 24.15 -1.36
N GLU B 381 -11.75 23.35 -1.85
CA GLU B 381 -12.90 23.88 -2.57
C GLU B 381 -13.84 24.63 -1.66
N SER B 382 -13.88 24.22 -0.40
CA SER B 382 -14.79 24.84 0.57
C SER B 382 -14.03 25.60 1.66
N ALA B 383 -12.91 26.21 1.28
CA ALA B 383 -12.11 27.00 2.22
C ALA B 383 -12.80 28.32 2.52
N ASP B 384 -12.43 28.95 3.63
CA ASP B 384 -13.05 30.20 4.06
C ASP B 384 -12.58 31.40 3.24
N SER B 385 -11.50 31.22 2.50
CA SER B 385 -10.94 32.32 1.70
C SER B 385 -10.02 31.82 0.59
N LYS B 386 -9.66 32.73 -0.31
CA LYS B 386 -8.74 32.39 -1.39
C LYS B 386 -7.36 32.07 -0.84
N SER B 387 -6.98 32.78 0.23
CA SER B 387 -5.68 32.58 0.86
C SER B 387 -5.58 31.19 1.49
N GLU B 388 -6.68 30.76 2.11
CA GLU B 388 -6.70 29.46 2.78
C GLU B 388 -6.99 28.34 1.78
N ALA B 389 -7.65 28.69 0.68
CA ALA B 389 -7.92 27.74 -0.39
C ALA B 389 -6.63 27.36 -1.10
N LEU B 390 -5.77 28.35 -1.31
CA LEU B 390 -4.48 28.13 -1.96
C LEU B 390 -3.57 27.24 -1.12
N LYS B 391 -3.54 27.50 0.18
CA LYS B 391 -2.68 26.75 1.09
C LYS B 391 -3.10 25.28 1.18
N LYS B 392 -4.41 25.04 1.17
CA LYS B 392 -4.94 23.68 1.29
C LYS B 392 -4.65 22.85 0.04
N ILE B 393 -4.92 23.41 -1.13
CA ILE B 393 -4.69 22.70 -2.38
C ILE B 393 -3.20 22.51 -2.64
N ASN B 394 -2.40 23.42 -2.11
CA ASN B 394 -0.94 23.32 -2.22
C ASN B 394 -0.37 22.17 -1.39
N MET B 395 -1.21 21.58 -0.54
CA MET B 395 -0.81 20.40 0.21
C MET B 395 -0.68 19.20 -0.71
N ALA B 396 -1.32 19.29 -1.87
CA ALA B 396 -1.31 18.20 -2.84
C ALA B 396 -0.22 18.40 -3.90
N PHE B 397 -0.06 19.65 -4.34
CA PHE B 397 0.90 19.95 -5.40
C PHE B 397 2.10 20.74 -4.88
N GLY B 398 2.27 20.77 -3.57
CA GLY B 398 3.36 21.51 -2.95
C GLY B 398 3.16 23.01 -3.08
N ASN B 399 4.08 23.78 -2.52
CA ASN B 399 4.01 25.24 -2.62
C ASN B 399 4.74 25.76 -3.86
N ARG B 400 3.99 26.00 -4.92
CA ARG B 400 4.55 26.50 -6.17
C ARG B 400 3.81 27.76 -6.60
N VAL B 401 2.51 27.62 -6.82
CA VAL B 401 1.67 28.77 -7.15
C VAL B 401 1.44 29.62 -5.90
N THR B 402 1.89 30.87 -5.96
CA THR B 402 1.78 31.77 -4.81
C THR B 402 0.67 32.79 -5.00
N ASN B 403 0.07 32.81 -6.18
CA ASN B 403 -0.96 33.79 -6.51
C ASN B 403 -2.37 33.30 -6.22
N SER B 404 -2.90 33.65 -5.05
CA SER B 404 -4.23 33.23 -4.64
C SER B 404 -5.32 33.94 -5.45
N GLU B 405 -4.92 35.00 -6.16
CA GLU B 405 -5.85 35.74 -7.00
C GLU B 405 -6.37 34.88 -8.15
N LEU B 406 -5.62 33.83 -8.47
CA LEU B 406 -6.03 32.90 -9.52
C LEU B 406 -7.29 32.13 -9.11
N ILE B 407 -7.49 32.00 -7.81
CA ILE B 407 -8.67 31.34 -7.28
C ILE B 407 -9.88 32.25 -7.41
N VAL B 408 -10.96 31.72 -8.00
CA VAL B 408 -12.17 32.50 -8.22
C VAL B 408 -13.40 31.85 -7.59
N LEU B 409 -14.43 32.65 -7.36
CA LEU B 409 -15.66 32.18 -6.73
C LEU B 409 -16.50 31.32 -7.68
N ALA B 410 -17.61 30.81 -7.16
CA ALA B 410 -18.55 30.03 -7.95
C ALA B 410 -19.95 30.14 -7.34
N LYS B 411 -20.97 29.96 -8.18
CA LYS B 411 -22.35 30.09 -7.72
C LYS B 411 -22.72 28.97 -6.75
#